data_1PNM
#
_entry.id   1PNM
#
_cell.length_a   52.120
_cell.length_b   65.080
_cell.length_c   76.300
_cell.angle_alpha   100.20
_cell.angle_beta   111.44
_cell.angle_gamma   105.81
#
_symmetry.space_group_name_H-M   'P 1'
#
loop_
_entity.id
_entity.type
_entity.pdbx_description
1 polymer 'PENICILLIN AMIDOHYDROLASE'
2 polymer 'PENICILLIN AMIDOHYDROLASE'
3 non-polymer 'CALCIUM ION'
4 non-polymer 'phenylmethanesulfonic acid'
5 water water
#
loop_
_entity_poly.entity_id
_entity_poly.type
_entity_poly.pdbx_seq_one_letter_code
_entity_poly.pdbx_strand_id
1 'polypeptide(L)'
;EQSSSEIKIVRDEYGMPHIYANDTWHLFYGYGYVVAQDRLFQMEMARRSTQGTVAEVLGKDFVKFDKDIRRNYWPDAIRA
QIAALSPEDMSILQGYADGMNAWIDKVNTNPETLLPKQFNTFGFTPKRWEPFDVAMIFVGTMANRFSDSTSEIDNLALLT
ALKDKYGVSQGMAVFNQLKWLVNPSAPTTIAVQESNYPLKFNQQNSQTA
;
A
2 'polypeptide(L)'
;SNMWVIGKSKAQDAKAIMVNGPQFGWYAPAYTYGIGLHGAGYDVTGNTPFAYPGLVFGHNGVISWGSTAGFGDDVDIFAE
RLSAEKPGYYLHNGKWVKMLSREETITVKNGQAETFTVWRTVHGNILQTDQTTQTAYAKSRAWDGKEVASLLAWTHQMKA
KNWQEWTQQAAKQALTINWYYADVNGNIGYVHTGAYPDRQSGHDPRLPVPGTGKWDWKGLLPFEMNPKVYNPQSGYIANW
NNSPQKDYPASDLFAFLWGGADRVTEIDRLLEQKPRLTADQAWDVIRQTSRQDLNLRLFLPTLQAATSGLTQSDPRRQLV
ETLTRWDGINLLNDDGKTWQQPGSAILNVWLTSMLKRTVVAAVPMPFDKWYSASGYETTQDGPTGSLNISVGAKILYEAV
QGDKSPIPQAVDLFAGKPQQEVVLAALEDTWETLSKRYGNNVSNWKTPAMALTFRANNFFGVPQAAAEETRHQAEYQNRG
TENDMIVFSPTTSDRPVLAWDVVAPGQSGFIAPDGTVDKHYEDQLKMYENFGRKSLWLTKQDVEAHKESQEVLHVQR
;
B
#
loop_
_chem_comp.id
_chem_comp.type
_chem_comp.name
_chem_comp.formula
CA non-polymer 'CALCIUM ION' 'Ca 2'
PMS non-polymer 'phenylmethanesulfonic acid' 'C7 H8 O3 S'
#
# COMPACT_ATOMS: atom_id res chain seq x y z
N SER A 3 1.01 -39.32 11.69
CA SER A 3 2.07 -39.55 10.71
C SER A 3 2.63 -38.20 10.21
N SER A 4 3.85 -38.40 9.71
CA SER A 4 4.76 -37.43 9.11
C SER A 4 4.45 -37.22 7.63
N SER A 5 3.77 -38.13 6.99
CA SER A 5 3.32 -38.18 5.62
C SER A 5 1.94 -37.51 5.47
N GLU A 6 1.24 -37.43 6.58
CA GLU A 6 -0.11 -36.89 6.67
C GLU A 6 -0.23 -35.37 6.79
N ILE A 7 -1.13 -34.91 5.94
CA ILE A 7 -1.51 -33.49 5.84
C ILE A 7 -3.05 -33.45 5.95
N LYS A 8 -3.58 -32.94 7.02
CA LYS A 8 -5.04 -32.80 7.22
C LYS A 8 -5.44 -31.33 6.90
N ILE A 9 -6.45 -31.19 6.04
CA ILE A 9 -7.00 -29.90 5.59
C ILE A 9 -8.46 -29.72 6.04
N VAL A 10 -8.70 -28.85 7.01
CA VAL A 10 -10.05 -28.55 7.53
C VAL A 10 -10.50 -27.18 7.02
N ARG A 11 -11.64 -27.07 6.35
CA ARG A 11 -12.17 -25.77 5.88
C ARG A 11 -13.30 -25.37 6.83
N ASP A 12 -13.37 -24.10 7.18
CA ASP A 12 -14.44 -23.63 8.09
C ASP A 12 -15.69 -23.28 7.31
N GLU A 13 -16.65 -22.68 7.99
CA GLU A 13 -17.92 -22.23 7.40
C GLU A 13 -17.76 -21.16 6.32
N TYR A 14 -16.63 -20.47 6.17
CA TYR A 14 -16.35 -19.50 5.13
C TYR A 14 -15.43 -20.14 4.12
N GLY A 15 -15.05 -21.40 4.29
CA GLY A 15 -14.16 -21.98 3.28
C GLY A 15 -12.70 -21.72 3.60
N MET A 16 -12.37 -21.12 4.72
CA MET A 16 -11.00 -20.79 5.09
C MET A 16 -10.31 -22.09 5.52
N PRO A 17 -9.24 -22.45 4.83
CA PRO A 17 -8.48 -23.65 5.14
C PRO A 17 -7.51 -23.46 6.29
N HIS A 18 -7.41 -24.53 7.07
CA HIS A 18 -6.55 -24.81 8.22
C HIS A 18 -5.70 -26.07 7.96
N ILE A 19 -4.39 -25.89 8.03
CA ILE A 19 -3.40 -26.92 7.73
C ILE A 19 -2.72 -27.46 9.00
N TYR A 20 -2.83 -28.79 9.10
CA TYR A 20 -2.29 -29.64 10.20
C TYR A 20 -1.25 -30.55 9.52
N ALA A 21 -0.01 -30.36 9.92
CA ALA A 21 1.15 -31.10 9.37
C ALA A 21 2.28 -31.12 10.40
N ASN A 22 3.16 -32.11 10.25
CA ASN A 22 4.22 -32.34 11.25
C ASN A 22 5.57 -31.71 10.93
N ASP A 23 5.75 -31.41 9.67
CA ASP A 23 7.05 -30.77 9.35
C ASP A 23 6.72 -29.62 8.40
N THR A 24 7.81 -28.88 8.19
CA THR A 24 7.82 -27.69 7.34
C THR A 24 7.43 -28.01 5.91
N TRP A 25 8.08 -28.97 5.27
CA TRP A 25 7.72 -29.29 3.87
C TRP A 25 6.26 -29.68 3.72
N HIS A 26 5.70 -30.51 4.57
CA HIS A 26 4.33 -30.99 4.63
C HIS A 26 3.40 -29.83 4.94
N LEU A 27 3.72 -28.97 5.88
CA LEU A 27 2.93 -27.76 6.20
C LEU A 27 2.81 -26.80 5.01
N PHE A 28 3.90 -26.44 4.34
CA PHE A 28 3.82 -25.53 3.17
C PHE A 28 3.22 -26.19 1.94
N TYR A 29 3.31 -27.52 1.85
CA TYR A 29 2.73 -28.30 0.76
C TYR A 29 1.20 -28.14 0.83
N GLY A 30 0.66 -28.30 2.02
CA GLY A 30 -0.76 -28.14 2.35
C GLY A 30 -1.23 -26.75 1.90
N TYR A 31 -0.53 -25.70 2.33
CA TYR A 31 -0.81 -24.30 1.96
C TYR A 31 -0.83 -24.16 0.45
N GLY A 32 0.22 -24.56 -0.26
CA GLY A 32 0.31 -24.52 -1.72
C GLY A 32 -0.88 -25.16 -2.41
N TYR A 33 -1.28 -26.34 -1.96
CA TYR A 33 -2.39 -27.18 -2.43
C TYR A 33 -3.74 -26.48 -2.37
N VAL A 34 -4.11 -25.90 -1.22
CA VAL A 34 -5.36 -25.14 -1.08
C VAL A 34 -5.33 -23.84 -1.91
N VAL A 35 -4.20 -23.16 -2.04
CA VAL A 35 -4.08 -21.98 -2.88
C VAL A 35 -4.40 -22.32 -4.34
N ALA A 36 -3.92 -23.44 -4.86
CA ALA A 36 -4.15 -23.96 -6.22
C ALA A 36 -5.63 -24.34 -6.32
N GLN A 37 -6.27 -24.82 -5.26
CA GLN A 37 -7.70 -25.10 -5.26
C GLN A 37 -8.56 -23.85 -5.41
N ASP A 38 -8.26 -22.88 -4.56
CA ASP A 38 -9.00 -21.60 -4.49
C ASP A 38 -8.77 -20.52 -5.50
N ARG A 39 -7.49 -20.24 -5.73
CA ARG A 39 -7.03 -19.12 -6.60
C ARG A 39 -6.06 -19.39 -7.73
N LEU A 40 -6.23 -20.49 -8.47
CA LEU A 40 -5.28 -20.82 -9.54
C LEU A 40 -5.14 -19.80 -10.67
N PHE A 41 -6.23 -19.26 -11.24
CA PHE A 41 -6.12 -18.32 -12.36
C PHE A 41 -5.46 -17.03 -11.85
N GLN A 42 -5.88 -16.55 -10.69
CA GLN A 42 -5.33 -15.34 -10.08
C GLN A 42 -3.82 -15.49 -9.90
N MET A 43 -3.39 -16.62 -9.30
CA MET A 43 -1.99 -16.92 -9.03
C MET A 43 -1.13 -17.02 -10.30
N GLU A 44 -1.73 -17.66 -11.30
CA GLU A 44 -1.09 -17.82 -12.61
C GLU A 44 -0.85 -16.46 -13.28
N MET A 45 -1.83 -15.55 -13.22
CA MET A 45 -1.78 -14.21 -13.82
C MET A 45 -0.82 -13.31 -13.03
N ALA A 46 -0.83 -13.53 -11.70
CA ALA A 46 0.13 -12.86 -10.79
C ALA A 46 1.53 -13.40 -11.12
N ARG A 47 1.68 -14.72 -11.41
CA ARG A 47 3.04 -15.15 -11.81
C ARG A 47 3.49 -14.44 -13.10
N ARG A 48 2.72 -14.37 -14.14
CA ARG A 48 3.11 -13.72 -15.40
C ARG A 48 3.35 -12.22 -15.34
N SER A 49 2.62 -11.52 -14.46
CA SER A 49 2.69 -10.08 -14.18
C SER A 49 4.03 -9.73 -13.52
N THR A 50 4.43 -10.53 -12.53
CA THR A 50 5.67 -10.36 -11.77
C THR A 50 6.92 -10.77 -12.51
N GLN A 51 6.83 -11.55 -13.58
CA GLN A 51 7.97 -11.99 -14.37
C GLN A 51 8.01 -11.39 -15.76
N GLY A 52 6.95 -10.66 -16.15
CA GLY A 52 6.86 -10.03 -17.45
C GLY A 52 6.62 -11.12 -18.47
N THR A 53 5.59 -11.96 -18.31
CA THR A 53 5.26 -12.98 -19.36
C THR A 53 3.80 -12.92 -19.82
N VAL A 54 3.14 -11.76 -19.74
CA VAL A 54 1.75 -11.51 -20.13
C VAL A 54 1.53 -11.48 -21.64
N ALA A 55 2.39 -10.94 -22.47
CA ALA A 55 2.22 -10.90 -23.92
C ALA A 55 2.18 -12.31 -24.51
N GLU A 56 2.81 -13.34 -23.94
CA GLU A 56 2.76 -14.71 -24.43
C GLU A 56 1.34 -15.24 -24.59
N VAL A 57 0.53 -15.04 -23.57
CA VAL A 57 -0.85 -15.52 -23.59
C VAL A 57 -1.75 -14.37 -24.00
N LEU A 58 -1.43 -13.11 -23.67
CA LEU A 58 -2.34 -12.01 -23.98
C LEU A 58 -1.97 -11.22 -25.20
N GLY A 59 -0.83 -11.24 -25.82
CA GLY A 59 -0.67 -10.44 -27.01
C GLY A 59 0.05 -9.14 -26.90
N LYS A 60 0.05 -8.46 -28.03
CA LYS A 60 0.66 -7.22 -28.46
C LYS A 60 0.60 -6.04 -27.49
N ASP A 61 -0.52 -5.90 -26.84
CA ASP A 61 -0.81 -4.83 -25.90
C ASP A 61 0.07 -4.85 -24.66
N PHE A 62 0.55 -6.02 -24.25
CA PHE A 62 1.38 -6.23 -23.08
C PHE A 62 2.87 -6.25 -23.34
N VAL A 63 3.39 -6.08 -24.53
CA VAL A 63 4.82 -6.07 -24.81
C VAL A 63 5.53 -4.98 -24.01
N LYS A 64 5.06 -3.73 -24.00
CA LYS A 64 5.69 -2.66 -23.22
C LYS A 64 5.66 -3.04 -21.73
N PHE A 65 4.54 -3.50 -21.20
CA PHE A 65 4.39 -3.94 -19.82
C PHE A 65 5.48 -4.96 -19.49
N ASP A 66 5.56 -6.02 -20.27
CA ASP A 66 6.51 -7.11 -20.17
C ASP A 66 7.94 -6.59 -20.13
N LYS A 67 8.33 -5.76 -21.09
CA LYS A 67 9.66 -5.15 -21.11
C LYS A 67 9.92 -4.30 -19.86
N ASP A 68 8.99 -3.50 -19.40
CA ASP A 68 9.14 -2.69 -18.17
C ASP A 68 9.33 -3.60 -16.96
N ILE A 69 8.53 -4.66 -16.81
CA ILE A 69 8.74 -5.59 -15.68
C ILE A 69 10.15 -6.18 -15.72
N ARG A 70 10.60 -6.79 -16.79
CA ARG A 70 11.94 -7.38 -16.94
C ARG A 70 13.09 -6.44 -16.69
N ARG A 71 13.07 -5.18 -17.12
CA ARG A 71 14.06 -4.14 -16.89
C ARG A 71 14.23 -3.69 -15.44
N ASN A 72 13.24 -3.94 -14.60
CA ASN A 72 13.23 -3.54 -13.18
C ASN A 72 13.75 -4.62 -12.22
N TYR A 73 14.30 -5.72 -12.70
CA TYR A 73 14.91 -6.68 -11.78
C TYR A 73 16.01 -7.49 -12.48
N TRP A 74 16.75 -8.21 -11.64
CA TRP A 74 17.85 -9.08 -12.05
C TRP A 74 17.57 -10.49 -11.53
N PRO A 75 16.98 -11.32 -12.40
CA PRO A 75 16.59 -12.69 -12.06
C PRO A 75 17.63 -13.55 -11.35
N ASP A 76 18.86 -13.52 -11.86
CA ASP A 76 20.06 -14.18 -11.39
C ASP A 76 20.36 -13.79 -9.96
N ALA A 77 20.18 -12.57 -9.51
CA ALA A 77 20.37 -12.13 -8.14
C ALA A 77 19.37 -12.80 -7.21
N ILE A 78 18.16 -13.09 -7.66
CA ILE A 78 17.09 -13.74 -6.93
C ILE A 78 17.43 -15.22 -6.77
N ARG A 79 17.90 -15.88 -7.82
CA ARG A 79 18.27 -17.31 -7.81
C ARG A 79 19.40 -17.65 -6.83
N ALA A 80 20.39 -16.77 -6.75
CA ALA A 80 21.54 -16.80 -5.85
C ALA A 80 21.10 -16.66 -4.40
N GLN A 81 20.07 -15.89 -4.11
CA GLN A 81 19.55 -15.78 -2.74
C GLN A 81 18.82 -17.10 -2.38
N ILE A 82 18.16 -17.73 -3.33
CA ILE A 82 17.45 -18.98 -3.13
C ILE A 82 18.46 -20.09 -2.87
N ALA A 83 19.49 -20.15 -3.70
CA ALA A 83 20.58 -21.12 -3.61
C ALA A 83 21.30 -21.08 -2.27
N ALA A 84 21.43 -19.92 -1.62
CA ALA A 84 22.03 -19.74 -0.33
C ALA A 84 21.12 -20.10 0.83
N LEU A 85 19.86 -20.46 0.66
CA LEU A 85 19.03 -20.80 1.80
C LEU A 85 19.42 -22.15 2.42
N SER A 86 19.10 -22.18 3.70
CA SER A 86 19.30 -23.38 4.53
C SER A 86 18.16 -24.30 4.12
N PRO A 87 18.36 -25.59 4.34
CA PRO A 87 17.34 -26.62 4.05
C PRO A 87 16.02 -26.37 4.76
N GLU A 88 15.93 -25.89 5.98
CA GLU A 88 14.68 -25.58 6.66
C GLU A 88 14.01 -24.41 5.92
N ASP A 89 14.76 -23.35 5.60
CA ASP A 89 14.22 -22.21 4.87
C ASP A 89 13.77 -22.58 3.48
N MET A 90 14.59 -23.34 2.78
CA MET A 90 14.33 -23.89 1.46
C MET A 90 13.07 -24.76 1.41
N SER A 91 12.69 -25.52 2.42
CA SER A 91 11.50 -26.35 2.56
C SER A 91 10.17 -25.60 2.42
N ILE A 92 10.13 -24.40 3.01
CA ILE A 92 8.99 -23.48 2.91
C ILE A 92 8.63 -23.22 1.42
N LEU A 93 9.63 -22.82 0.65
CA LEU A 93 9.49 -22.52 -0.77
C LEU A 93 9.27 -23.73 -1.67
N GLN A 94 9.97 -24.79 -1.34
CA GLN A 94 9.86 -26.07 -2.09
C GLN A 94 8.54 -26.72 -1.70
N GLY A 95 8.23 -26.77 -0.40
CA GLY A 95 6.95 -27.30 0.10
C GLY A 95 5.83 -26.72 -0.76
N TYR A 96 5.69 -25.40 -0.68
CA TYR A 96 4.73 -24.53 -1.37
C TYR A 96 4.60 -24.82 -2.85
N ALA A 97 5.67 -24.72 -3.63
CA ALA A 97 5.66 -25.05 -5.07
C ALA A 97 5.18 -26.48 -5.34
N ASP A 98 5.61 -27.46 -4.54
CA ASP A 98 5.24 -28.88 -4.62
C ASP A 98 3.75 -29.08 -4.42
N GLY A 99 3.23 -28.47 -3.36
CA GLY A 99 1.81 -28.47 -2.98
C GLY A 99 0.92 -28.07 -4.15
N MET A 100 1.26 -26.93 -4.77
CA MET A 100 0.59 -26.32 -5.90
C MET A 100 0.61 -27.24 -7.11
N ASN A 101 1.79 -27.79 -7.36
CA ASN A 101 2.06 -28.73 -8.47
C ASN A 101 1.18 -29.96 -8.40
N ALA A 102 1.02 -30.54 -7.22
CA ALA A 102 0.17 -31.66 -6.86
C ALA A 102 -1.26 -31.43 -7.39
N TRP A 103 -1.80 -30.29 -6.98
CA TRP A 103 -3.11 -29.87 -7.48
C TRP A 103 -3.04 -29.49 -8.95
N ILE A 104 -2.02 -28.89 -9.56
CA ILE A 104 -2.01 -28.60 -11.01
C ILE A 104 -2.00 -29.90 -11.81
N ASP A 105 -1.34 -30.92 -11.34
CA ASP A 105 -1.35 -32.25 -11.99
C ASP A 105 -2.77 -32.80 -12.02
N LYS A 106 -3.56 -32.85 -10.96
CA LYS A 106 -4.94 -33.31 -11.03
C LYS A 106 -5.80 -32.50 -12.00
N VAL A 107 -5.70 -31.18 -12.00
CA VAL A 107 -6.40 -30.23 -12.85
C VAL A 107 -6.08 -30.54 -14.33
N ASN A 108 -4.82 -30.72 -14.65
CA ASN A 108 -4.37 -30.99 -16.01
C ASN A 108 -4.67 -32.41 -16.51
N THR A 109 -5.05 -33.31 -15.66
CA THR A 109 -5.45 -34.68 -15.77
C THR A 109 -6.93 -34.85 -16.01
N ASN A 110 -7.69 -33.89 -15.47
CA ASN A 110 -9.16 -33.89 -15.49
C ASN A 110 -9.73 -32.50 -15.59
N PRO A 111 -9.43 -31.90 -16.75
CA PRO A 111 -9.82 -30.53 -17.08
C PRO A 111 -11.26 -30.29 -17.45
N GLU A 112 -12.08 -31.31 -17.50
CA GLU A 112 -13.49 -31.29 -17.83
C GLU A 112 -14.27 -30.90 -16.59
N THR A 113 -13.67 -31.01 -15.41
CA THR A 113 -14.27 -30.65 -14.15
C THR A 113 -13.41 -29.82 -13.19
N LEU A 114 -12.10 -29.84 -13.39
CA LEU A 114 -11.22 -29.15 -12.46
C LEU A 114 -10.56 -27.87 -12.96
N LEU A 115 -10.54 -27.69 -14.26
CA LEU A 115 -9.89 -26.48 -14.80
C LEU A 115 -10.73 -25.23 -14.63
N PRO A 116 -10.14 -24.24 -13.96
CA PRO A 116 -10.78 -22.91 -13.76
C PRO A 116 -11.33 -22.44 -15.09
N LYS A 117 -12.60 -22.04 -15.11
CA LYS A 117 -13.22 -21.56 -16.37
C LYS A 117 -12.38 -20.59 -17.17
N GLN A 118 -11.70 -19.60 -16.63
CA GLN A 118 -10.86 -18.56 -17.23
C GLN A 118 -9.69 -19.03 -18.08
N PHE A 119 -9.13 -20.19 -17.83
CA PHE A 119 -8.07 -20.82 -18.63
C PHE A 119 -8.68 -21.15 -19.98
N ASN A 120 -9.92 -21.65 -19.98
CA ASN A 120 -10.65 -21.89 -21.22
C ASN A 120 -10.89 -20.55 -21.93
N THR A 121 -11.40 -19.51 -21.25
CA THR A 121 -11.69 -18.17 -21.77
C THR A 121 -10.50 -17.51 -22.45
N PHE A 122 -9.37 -17.55 -21.72
CA PHE A 122 -8.10 -16.96 -22.15
C PHE A 122 -7.27 -17.85 -23.07
N GLY A 123 -7.67 -19.09 -23.23
CA GLY A 123 -7.08 -20.07 -24.11
C GLY A 123 -5.70 -20.57 -23.81
N PHE A 124 -5.45 -20.92 -22.56
CA PHE A 124 -4.11 -21.43 -22.14
C PHE A 124 -4.37 -22.28 -20.89
N THR A 125 -3.25 -22.88 -20.49
CA THR A 125 -3.32 -23.76 -19.31
C THR A 125 -2.14 -23.50 -18.36
N PRO A 126 -2.41 -23.93 -17.13
CA PRO A 126 -1.45 -23.81 -16.03
C PRO A 126 -0.21 -24.66 -16.20
N LYS A 127 0.89 -24.04 -15.81
CA LYS A 127 2.22 -24.65 -15.79
C LYS A 127 2.61 -24.86 -14.34
N ARG A 128 3.61 -25.70 -14.15
CA ARG A 128 4.15 -26.06 -12.82
C ARG A 128 5.08 -24.91 -12.39
N TRP A 129 5.10 -24.79 -11.08
CA TRP A 129 5.77 -23.79 -10.28
C TRP A 129 7.07 -24.28 -9.67
N GLU A 130 7.98 -23.34 -9.47
CA GLU A 130 9.26 -23.72 -8.79
C GLU A 130 9.43 -22.72 -7.67
N PRO A 131 10.32 -22.98 -6.72
CA PRO A 131 10.60 -22.00 -5.65
C PRO A 131 10.84 -20.57 -6.16
N PHE A 132 11.51 -20.27 -7.26
CA PHE A 132 11.74 -19.00 -7.87
C PHE A 132 10.42 -18.26 -8.14
N ASP A 133 9.41 -18.95 -8.65
CA ASP A 133 8.08 -18.45 -8.94
C ASP A 133 7.39 -17.93 -7.66
N VAL A 134 7.49 -18.63 -6.55
CA VAL A 134 6.88 -18.27 -5.27
C VAL A 134 7.51 -17.00 -4.70
N ALA A 135 8.83 -16.92 -4.78
CA ALA A 135 9.65 -15.79 -4.30
C ALA A 135 9.30 -14.55 -5.11
N MET A 136 9.19 -14.64 -6.44
CA MET A 136 8.83 -13.56 -7.38
C MET A 136 7.44 -12.95 -7.14
N ILE A 137 6.44 -13.65 -6.63
CA ILE A 137 5.12 -13.23 -6.24
C ILE A 137 5.35 -12.18 -5.14
N PHE A 138 6.10 -12.49 -4.11
CA PHE A 138 6.40 -11.51 -3.05
C PHE A 138 7.25 -10.34 -3.59
N VAL A 139 8.35 -10.62 -4.30
CA VAL A 139 9.25 -9.60 -4.80
C VAL A 139 8.49 -8.62 -5.70
N GLY A 140 7.76 -9.14 -6.67
CA GLY A 140 7.01 -8.31 -7.58
C GLY A 140 5.85 -7.47 -7.10
N THR A 141 5.14 -7.82 -6.04
CA THR A 141 3.96 -7.17 -5.50
C THR A 141 4.05 -6.48 -4.13
N MET A 142 5.16 -6.68 -3.47
CA MET A 142 5.46 -6.10 -2.17
C MET A 142 6.71 -5.22 -2.33
N ALA A 143 7.80 -5.77 -2.87
CA ALA A 143 9.04 -4.97 -3.04
C ALA A 143 8.91 -3.91 -4.14
N ASN A 144 8.33 -4.25 -5.28
CA ASN A 144 8.19 -3.32 -6.40
C ASN A 144 6.94 -2.49 -6.20
N ARG A 145 5.89 -2.99 -5.57
CA ARG A 145 4.71 -2.11 -5.41
C ARG A 145 4.91 -1.07 -4.33
N PHE A 146 5.33 -1.41 -3.13
CA PHE A 146 5.47 -0.49 -1.99
C PHE A 146 6.87 -0.13 -1.49
N SER A 147 7.92 -0.50 -2.21
CA SER A 147 9.23 -0.12 -1.64
C SER A 147 10.21 0.29 -2.72
N ASP A 148 9.69 0.51 -3.91
CA ASP A 148 10.55 0.88 -5.03
C ASP A 148 10.26 2.31 -5.51
N SER A 149 9.83 3.22 -4.64
CA SER A 149 9.45 4.59 -4.99
C SER A 149 10.53 5.66 -5.08
N THR A 150 10.74 6.33 -6.23
CA THR A 150 11.64 7.44 -6.47
C THR A 150 11.08 8.34 -7.65
N SER A 151 11.41 9.62 -7.58
CA SER A 151 11.09 10.53 -8.68
C SER A 151 12.33 11.43 -8.84
N GLU A 152 13.50 11.01 -8.36
CA GLU A 152 14.72 11.82 -8.40
C GLU A 152 15.06 12.45 -9.72
N ILE A 153 14.96 11.81 -10.88
CA ILE A 153 15.25 12.39 -12.20
C ILE A 153 14.26 13.51 -12.50
N ASP A 154 12.99 13.33 -12.17
CA ASP A 154 11.86 14.25 -12.31
C ASP A 154 12.06 15.46 -11.37
N ASN A 155 12.49 15.21 -10.14
CA ASN A 155 12.77 16.29 -9.18
C ASN A 155 13.85 17.24 -9.73
N LEU A 156 14.92 16.68 -10.31
CA LEU A 156 16.01 17.38 -10.94
C LEU A 156 15.48 18.23 -12.10
N ALA A 157 14.61 17.64 -12.90
CA ALA A 157 13.98 18.41 -14.01
C ALA A 157 13.24 19.63 -13.47
N LEU A 158 12.41 19.46 -12.43
CA LEU A 158 11.64 20.48 -11.79
C LEU A 158 12.59 21.55 -11.30
N LEU A 159 13.60 21.19 -10.53
CA LEU A 159 14.60 22.06 -9.91
C LEU A 159 15.31 22.91 -10.96
N THR A 160 15.63 22.32 -12.10
CA THR A 160 16.25 23.00 -13.22
C THR A 160 15.34 24.09 -13.79
N ALA A 161 14.05 23.83 -13.90
CA ALA A 161 13.02 24.76 -14.35
C ALA A 161 12.86 25.87 -13.33
N LEU A 162 12.92 25.67 -12.02
CA LEU A 162 12.82 26.70 -10.98
C LEU A 162 14.02 27.63 -11.00
N LYS A 163 15.20 27.15 -11.37
CA LYS A 163 16.44 27.92 -11.44
C LYS A 163 16.44 28.80 -12.67
N ASP A 164 15.78 28.35 -13.73
CA ASP A 164 15.61 29.08 -14.98
C ASP A 164 14.54 30.18 -14.81
N LYS A 165 13.67 30.06 -13.83
CA LYS A 165 12.60 31.01 -13.53
C LYS A 165 13.03 31.99 -12.47
N TYR A 166 13.48 31.55 -11.30
CA TYR A 166 13.87 32.43 -10.20
C TYR A 166 15.37 32.67 -10.01
N GLY A 167 16.17 32.13 -10.91
CA GLY A 167 17.63 32.21 -10.74
C GLY A 167 18.04 31.06 -9.80
N VAL A 168 19.32 30.83 -9.77
CA VAL A 168 19.95 29.77 -8.99
C VAL A 168 19.59 29.68 -7.51
N SER A 169 19.81 30.69 -6.72
CA SER A 169 19.53 30.57 -5.28
C SER A 169 18.06 30.49 -4.89
N GLN A 170 17.27 31.20 -5.65
CA GLN A 170 15.82 31.37 -5.49
C GLN A 170 15.08 30.14 -5.96
N GLY A 171 15.58 29.58 -7.04
CA GLY A 171 15.08 28.33 -7.62
C GLY A 171 15.15 27.18 -6.61
N MET A 172 16.26 27.09 -5.90
CA MET A 172 16.56 26.15 -4.84
C MET A 172 15.66 26.39 -3.63
N ALA A 173 15.45 27.63 -3.22
CA ALA A 173 14.59 27.90 -2.04
C ALA A 173 13.13 27.59 -2.33
N VAL A 174 12.65 27.78 -3.55
CA VAL A 174 11.28 27.44 -3.97
C VAL A 174 11.16 25.91 -3.97
N PHE A 175 12.16 25.15 -4.44
CA PHE A 175 12.29 23.71 -4.46
C PHE A 175 12.06 23.23 -3.03
N ASN A 176 12.70 23.82 -2.04
CA ASN A 176 12.51 23.48 -0.63
C ASN A 176 11.15 23.84 -0.08
N GLN A 177 10.36 24.66 -0.71
CA GLN A 177 9.02 25.05 -0.27
C GLN A 177 8.00 24.03 -0.82
N LEU A 178 8.32 23.47 -2.00
CA LEU A 178 7.43 22.53 -2.66
C LEU A 178 7.63 21.07 -2.31
N LYS A 179 8.89 20.74 -2.13
CA LYS A 179 9.38 19.39 -1.81
C LYS A 179 10.42 19.53 -0.71
N TRP A 180 9.94 19.87 0.46
CA TRP A 180 10.80 20.01 1.65
C TRP A 180 11.39 18.64 2.02
N LEU A 181 12.49 18.58 2.74
CA LEU A 181 13.09 17.29 3.19
C LEU A 181 12.32 16.72 4.39
N VAL A 182 12.09 17.60 5.36
CA VAL A 182 11.37 17.40 6.60
C VAL A 182 10.57 18.71 6.92
N ASN A 183 9.52 18.49 7.66
CA ASN A 183 8.54 19.46 8.15
C ASN A 183 8.26 18.99 9.58
N PRO A 184 8.73 19.85 10.49
CA PRO A 184 8.62 19.59 11.94
C PRO A 184 7.25 19.63 12.55
N SER A 185 6.24 20.11 11.86
CA SER A 185 4.84 20.13 12.29
C SER A 185 4.10 18.88 11.83
N ALA A 186 4.67 18.01 11.01
CA ALA A 186 4.00 16.77 10.58
C ALA A 186 3.60 15.93 11.78
N PRO A 187 2.31 15.55 11.77
CA PRO A 187 1.77 14.62 12.81
C PRO A 187 2.52 13.29 12.71
N THR A 188 3.07 12.80 13.81
CA THR A 188 3.88 11.56 13.90
C THR A 188 3.23 10.42 14.68
N THR A 189 3.60 9.19 14.30
CA THR A 189 3.10 7.96 15.02
C THR A 189 3.74 7.90 16.41
N ILE A 190 5.03 8.19 16.59
CA ILE A 190 5.78 8.19 17.86
C ILE A 190 5.81 9.63 18.41
N ALA A 191 5.32 9.81 19.62
CA ALA A 191 5.27 11.11 20.30
C ALA A 191 6.65 11.70 20.47
N VAL A 192 6.82 13.02 20.55
CA VAL A 192 8.17 13.57 20.75
C VAL A 192 8.80 13.20 22.08
N GLN A 193 8.14 12.97 23.20
CA GLN A 193 8.67 12.59 24.50
C GLN A 193 9.39 11.22 24.40
N GLU A 194 8.89 10.36 23.54
CA GLU A 194 9.40 9.05 23.24
C GLU A 194 10.66 9.22 22.40
N SER A 195 10.68 9.84 21.27
CA SER A 195 11.97 10.06 20.58
C SER A 195 11.65 10.65 19.19
N SER B 1 -3.02 3.20 4.14
CA SER B 1 -3.22 2.00 4.90
C SER B 1 -3.16 2.50 6.34
N ASN B 2 -4.28 2.15 6.96
CA ASN B 2 -4.34 2.57 8.41
C ASN B 2 -4.31 1.39 9.41
N MET B 3 -3.98 1.82 10.63
CA MET B 3 -3.83 1.00 11.80
C MET B 3 -3.98 1.82 13.06
N TRP B 4 -4.64 1.21 14.01
CA TRP B 4 -4.83 1.68 15.38
C TRP B 4 -4.67 0.45 16.33
N VAL B 5 -3.70 0.62 17.24
CA VAL B 5 -3.34 -0.36 18.29
C VAL B 5 -3.57 0.34 19.65
N ILE B 6 -4.41 -0.27 20.47
CA ILE B 6 -4.85 0.18 21.82
C ILE B 6 -4.41 -0.82 22.91
N GLY B 7 -3.58 -0.29 23.81
CA GLY B 7 -2.94 -0.92 24.92
C GLY B 7 -3.83 -1.00 26.15
N LYS B 8 -3.31 -1.61 27.20
CA LYS B 8 -3.94 -1.81 28.48
C LYS B 8 -4.71 -0.64 29.09
N SER B 9 -4.11 0.53 29.15
CA SER B 9 -4.57 1.81 29.70
C SER B 9 -5.66 2.54 28.93
N LYS B 10 -5.88 2.25 27.68
CA LYS B 10 -6.87 2.77 26.78
C LYS B 10 -7.95 1.75 26.46
N ALA B 11 -7.71 0.48 26.69
CA ALA B 11 -8.66 -0.60 26.36
C ALA B 11 -9.71 -0.78 27.44
N GLN B 12 -10.92 -1.10 27.04
CA GLN B 12 -12.04 -1.32 27.99
C GLN B 12 -12.58 -2.72 27.77
N ASP B 13 -12.47 -3.56 28.77
CA ASP B 13 -12.95 -4.96 28.77
C ASP B 13 -12.07 -5.90 27.92
N ALA B 14 -10.81 -5.59 27.83
CA ALA B 14 -9.77 -6.32 27.10
C ALA B 14 -8.45 -5.67 27.55
N LYS B 15 -7.37 -6.33 27.18
CA LYS B 15 -6.04 -5.80 27.52
C LYS B 15 -5.36 -5.13 26.34
N ALA B 16 -5.75 -5.53 25.13
CA ALA B 16 -5.16 -5.00 23.90
C ALA B 16 -6.13 -5.20 22.74
N ILE B 17 -6.20 -4.23 21.83
CA ILE B 17 -7.10 -4.24 20.65
C ILE B 17 -6.28 -3.81 19.42
N MET B 18 -6.30 -4.59 18.35
CA MET B 18 -5.57 -4.23 17.14
C MET B 18 -6.55 -4.16 15.98
N VAL B 19 -6.62 -3.02 15.29
CA VAL B 19 -7.52 -2.86 14.11
C VAL B 19 -6.64 -2.42 12.93
N ASN B 20 -6.65 -3.13 11.83
CA ASN B 20 -5.83 -2.90 10.63
C ASN B 20 -6.74 -2.82 9.40
N GLY B 21 -6.43 -1.88 8.53
CA GLY B 21 -7.08 -1.62 7.25
C GLY B 21 -6.02 -1.25 6.18
N PRO B 22 -5.39 -2.34 5.71
CA PRO B 22 -4.38 -2.22 4.63
C PRO B 22 -5.14 -1.81 3.38
N GLN B 23 -4.63 -0.82 2.66
CA GLN B 23 -5.30 -0.25 1.47
C GLN B 23 -4.53 -0.52 0.20
N PHE B 24 -5.06 -1.45 -0.59
CA PHE B 24 -4.33 -1.83 -1.80
C PHE B 24 -5.18 -1.70 -3.05
N GLY B 25 -6.38 -1.16 -2.89
CA GLY B 25 -7.25 -1.09 -4.12
C GLY B 25 -8.26 -2.21 -3.85
N TRP B 26 -9.28 -2.36 -4.71
CA TRP B 26 -10.37 -3.34 -4.52
C TRP B 26 -10.45 -4.23 -5.73
N TYR B 27 -10.28 -5.56 -5.49
CA TYR B 27 -10.15 -6.56 -6.58
C TYR B 27 -11.03 -7.79 -6.44
N ALA B 28 -11.28 -8.40 -7.58
CA ALA B 28 -12.09 -9.62 -7.68
C ALA B 28 -11.28 -10.67 -8.44
N PRO B 29 -10.88 -11.82 -7.85
CA PRO B 29 -11.12 -12.30 -6.49
C PRO B 29 -10.29 -11.55 -5.48
N ALA B 30 -10.56 -11.59 -4.20
CA ALA B 30 -9.88 -10.84 -3.15
C ALA B 30 -8.37 -10.74 -3.33
N TYR B 31 -7.84 -9.59 -2.92
CA TYR B 31 -6.42 -9.25 -2.89
C TYR B 31 -5.74 -10.20 -1.90
N THR B 32 -6.37 -10.43 -0.73
CA THR B 32 -5.78 -11.32 0.29
C THR B 32 -6.44 -12.70 0.29
N TYR B 33 -5.75 -13.56 1.01
CA TYR B 33 -6.09 -14.99 1.18
C TYR B 33 -6.08 -15.46 2.62
N GLY B 34 -7.21 -15.99 3.10
CA GLY B 34 -7.37 -16.50 4.48
C GLY B 34 -6.72 -17.92 4.59
N ILE B 35 -5.96 -18.12 5.67
CA ILE B 35 -5.20 -19.33 5.97
C ILE B 35 -4.83 -19.49 7.45
N GLY B 36 -4.90 -20.72 7.97
CA GLY B 36 -4.53 -21.10 9.34
C GLY B 36 -3.47 -22.20 9.16
N LEU B 37 -2.38 -22.14 9.93
CA LEU B 37 -1.22 -23.09 9.84
C LEU B 37 -0.87 -23.57 11.23
N HIS B 38 -1.05 -24.91 11.35
CA HIS B 38 -0.92 -25.64 12.63
C HIS B 38 0.01 -26.81 12.42
N GLY B 39 1.24 -26.71 12.87
CA GLY B 39 2.29 -27.72 12.77
C GLY B 39 3.63 -27.08 12.50
N ALA B 40 4.70 -27.82 12.74
CA ALA B 40 6.12 -27.47 12.55
C ALA B 40 6.57 -26.22 13.28
N GLY B 41 6.04 -25.90 14.45
CA GLY B 41 6.31 -24.74 15.28
C GLY B 41 5.36 -23.57 15.14
N TYR B 42 4.52 -23.55 14.12
CA TYR B 42 3.50 -22.61 13.75
C TYR B 42 2.12 -23.03 14.26
N ASP B 43 1.39 -22.03 14.71
CA ASP B 43 0.00 -22.07 15.17
C ASP B 43 -0.58 -20.66 14.99
N VAL B 44 -0.99 -20.39 13.76
CA VAL B 44 -1.49 -19.08 13.31
C VAL B 44 -2.81 -19.13 12.55
N THR B 45 -3.49 -17.99 12.53
CA THR B 45 -4.67 -17.63 11.79
C THR B 45 -4.58 -16.17 11.22
N GLY B 46 -5.15 -15.95 10.03
CA GLY B 46 -5.15 -14.60 9.46
C GLY B 46 -5.38 -14.63 7.96
N ASN B 47 -4.90 -13.55 7.31
CA ASN B 47 -5.06 -13.45 5.83
C ASN B 47 -3.80 -12.69 5.40
N THR B 48 -3.45 -12.83 4.13
CA THR B 48 -2.23 -12.26 3.60
C THR B 48 -2.36 -12.06 2.09
N PRO B 49 -1.76 -10.95 1.58
CA PRO B 49 -1.78 -10.64 0.15
C PRO B 49 -1.17 -11.70 -0.72
N PHE B 50 -1.78 -12.13 -1.79
CA PHE B 50 -1.33 -13.12 -2.78
C PHE B 50 -0.88 -14.44 -2.16
N ALA B 51 -1.43 -14.90 -1.04
CA ALA B 51 -1.15 -16.11 -0.30
C ALA B 51 0.35 -16.32 -0.09
N TYR B 52 1.07 -15.25 0.29
CA TYR B 52 2.50 -15.34 0.55
C TYR B 52 2.64 -16.39 1.67
N PRO B 53 3.78 -17.10 1.72
CA PRO B 53 4.13 -18.05 2.80
C PRO B 53 3.94 -17.37 4.15
N GLY B 54 4.34 -16.13 4.40
CA GLY B 54 4.12 -15.41 5.67
C GLY B 54 2.87 -14.54 5.64
N LEU B 55 2.11 -14.54 6.71
CA LEU B 55 0.85 -13.84 6.97
C LEU B 55 1.18 -12.43 7.45
N VAL B 56 0.73 -11.51 6.61
CA VAL B 56 0.98 -10.06 6.90
C VAL B 56 0.05 -9.65 8.02
N PHE B 57 -1.20 -10.19 8.06
CA PHE B 57 -2.21 -9.87 9.09
C PHE B 57 -2.72 -11.12 9.83
N GLY B 58 -2.53 -11.14 11.13
CA GLY B 58 -2.99 -12.29 11.93
C GLY B 58 -2.43 -12.40 13.35
N HIS B 59 -2.63 -13.56 13.97
CA HIS B 59 -2.10 -13.74 15.33
C HIS B 59 -1.79 -15.22 15.59
N ASN B 60 -1.03 -15.44 16.67
CA ASN B 60 -0.67 -16.84 17.01
C ASN B 60 -1.20 -17.24 18.37
N GLY B 61 -2.21 -16.60 18.93
CA GLY B 61 -2.74 -16.86 20.26
C GLY B 61 -1.98 -16.18 21.36
N VAL B 62 -0.80 -15.61 21.18
CA VAL B 62 0.07 -14.93 22.13
C VAL B 62 0.30 -13.48 21.72
N ILE B 63 0.70 -13.30 20.46
CA ILE B 63 0.95 -11.99 19.86
C ILE B 63 0.12 -11.86 18.58
N SER B 64 -0.07 -10.59 18.19
CA SER B 64 -0.76 -10.19 16.93
C SER B 64 0.17 -9.20 16.21
N TRP B 65 0.05 -9.18 14.89
CA TRP B 65 0.86 -8.30 14.05
C TRP B 65 0.06 -7.70 12.90
N GLY B 66 0.62 -6.60 12.39
CA GLY B 66 -0.03 -5.93 11.23
C GLY B 66 1.07 -5.05 10.63
N SER B 67 0.72 -4.45 9.50
CA SER B 67 1.53 -3.57 8.70
C SER B 67 0.90 -2.39 8.01
N THR B 68 1.60 -1.34 7.61
CA THR B 68 1.15 -0.18 6.82
C THR B 68 2.37 0.24 6.00
N ALA B 69 2.24 0.71 4.80
CA ALA B 69 3.38 1.12 3.92
C ALA B 69 4.22 2.16 4.66
N GLY B 70 5.54 2.08 4.69
CA GLY B 70 6.43 2.97 5.42
C GLY B 70 6.73 4.33 4.82
N PHE B 71 7.02 4.39 3.54
CA PHE B 71 7.38 5.52 2.70
C PHE B 71 8.66 6.24 3.11
N GLY B 72 9.69 5.55 3.55
CA GLY B 72 10.98 6.17 3.93
C GLY B 72 11.71 6.33 2.58
N ASP B 73 12.83 7.02 2.55
CA ASP B 73 13.61 7.16 1.30
C ASP B 73 14.66 6.02 1.30
N ASP B 74 14.44 4.97 0.52
CA ASP B 74 15.36 3.82 0.48
C ASP B 74 15.88 3.56 -0.91
N VAL B 75 15.61 4.45 -1.88
CA VAL B 75 16.02 4.31 -3.27
C VAL B 75 16.75 5.54 -3.74
N ASP B 76 17.94 5.51 -4.32
CA ASP B 76 18.62 6.73 -4.80
C ASP B 76 19.07 6.40 -6.24
N ILE B 77 19.16 7.44 -7.05
CA ILE B 77 19.59 7.36 -8.46
C ILE B 77 21.03 7.85 -8.63
N PHE B 78 21.79 7.00 -9.33
CA PHE B 78 23.23 7.24 -9.60
C PHE B 78 23.35 7.56 -11.10
N ALA B 79 23.95 8.76 -11.33
CA ALA B 79 24.21 9.32 -12.68
C ALA B 79 25.55 8.68 -13.10
N GLU B 80 25.49 7.64 -13.93
CA GLU B 80 26.65 6.88 -14.39
C GLU B 80 27.25 7.57 -15.61
N ARG B 81 28.56 7.66 -15.58
CA ARG B 81 29.42 8.27 -16.60
C ARG B 81 29.86 7.32 -17.69
N LEU B 82 29.40 7.45 -18.90
CA LEU B 82 29.77 6.58 -20.03
C LEU B 82 30.78 7.28 -20.93
N SER B 83 31.54 6.46 -21.66
CA SER B 83 32.52 7.01 -22.63
C SER B 83 31.80 6.72 -23.97
N ALA B 84 32.06 7.60 -24.92
CA ALA B 84 31.53 7.56 -26.28
C ALA B 84 32.14 6.38 -27.06
N GLU B 85 33.43 6.22 -26.86
CA GLU B 85 34.25 5.12 -27.40
C GLU B 85 34.20 4.04 -26.34
N LYS B 86 34.84 2.87 -26.33
CA LYS B 86 34.70 1.95 -25.18
C LYS B 86 33.32 1.84 -24.55
N PRO B 87 32.36 1.32 -25.31
CA PRO B 87 30.97 1.21 -24.84
C PRO B 87 30.68 0.00 -23.97
N GLY B 88 29.67 0.21 -23.11
CA GLY B 88 29.17 -0.79 -22.14
C GLY B 88 30.01 -0.86 -20.86
N TYR B 89 30.75 0.20 -20.67
CA TYR B 89 31.70 0.61 -19.68
C TYR B 89 31.22 1.90 -19.00
N TYR B 90 31.65 2.02 -17.76
CA TYR B 90 31.27 3.20 -16.98
C TYR B 90 32.45 3.42 -16.05
N LEU B 91 32.61 4.67 -15.70
CA LEU B 91 33.74 5.07 -14.83
C LEU B 91 33.38 4.90 -13.36
N HIS B 92 34.23 4.14 -12.69
CA HIS B 92 33.99 3.92 -11.25
C HIS B 92 35.33 3.76 -10.58
N ASN B 93 35.56 4.62 -9.61
CA ASN B 93 36.76 4.73 -8.77
C ASN B 93 38.02 4.69 -9.66
N GLY B 94 38.02 5.67 -10.56
CA GLY B 94 39.02 5.92 -11.57
C GLY B 94 39.40 4.81 -12.50
N LYS B 95 38.54 3.88 -12.89
CA LYS B 95 38.77 2.75 -13.79
C LYS B 95 37.54 2.61 -14.68
N TRP B 96 37.68 2.15 -15.90
CA TRP B 96 36.49 1.97 -16.76
C TRP B 96 36.02 0.54 -16.49
N VAL B 97 34.87 0.49 -15.84
CA VAL B 97 34.28 -0.78 -15.41
C VAL B 97 33.20 -1.24 -16.40
N LYS B 98 33.18 -2.54 -16.66
CA LYS B 98 32.22 -3.14 -17.60
C LYS B 98 30.90 -3.47 -16.88
N MET B 99 29.85 -3.20 -17.64
CA MET B 99 28.50 -3.41 -17.17
C MET B 99 28.06 -4.86 -17.36
N LEU B 100 27.13 -5.22 -16.48
CA LEU B 100 26.46 -6.52 -16.56
C LEU B 100 25.34 -6.21 -17.58
N SER B 101 25.03 -7.16 -18.40
CA SER B 101 23.99 -7.09 -19.42
C SER B 101 23.34 -8.46 -19.57
N ARG B 102 22.12 -8.48 -20.05
CA ARG B 102 21.42 -9.76 -20.25
C ARG B 102 20.48 -9.56 -21.43
N GLU B 103 20.32 -10.49 -22.33
CA GLU B 103 19.37 -10.30 -23.43
C GLU B 103 18.04 -10.95 -23.04
N GLU B 104 16.96 -10.35 -23.50
CA GLU B 104 15.62 -10.84 -23.16
C GLU B 104 14.75 -10.95 -24.40
N THR B 105 13.99 -12.05 -24.50
CA THR B 105 13.09 -12.24 -25.64
C THR B 105 11.66 -12.23 -25.10
N ILE B 106 10.84 -11.32 -25.63
CA ILE B 106 9.44 -11.20 -25.25
C ILE B 106 8.66 -12.02 -26.30
N THR B 107 8.05 -13.12 -25.92
CA THR B 107 7.25 -13.91 -26.85
C THR B 107 5.85 -13.30 -26.81
N VAL B 108 5.31 -13.14 -28.00
CA VAL B 108 4.01 -12.50 -28.19
C VAL B 108 2.95 -13.38 -28.83
N LYS B 109 1.85 -13.57 -28.14
CA LYS B 109 0.73 -14.35 -28.70
C LYS B 109 0.26 -13.61 -29.94
N ASN B 110 0.32 -14.22 -31.10
CA ASN B 110 -0.11 -13.64 -32.39
C ASN B 110 0.66 -12.43 -32.86
N GLY B 111 1.95 -12.34 -32.63
CA GLY B 111 2.75 -11.21 -33.14
C GLY B 111 4.18 -11.73 -33.23
N GLN B 112 5.08 -10.90 -33.68
CA GLN B 112 6.49 -11.30 -33.74
C GLN B 112 7.07 -11.22 -32.32
N ALA B 113 8.16 -11.95 -32.04
CA ALA B 113 8.81 -11.91 -30.73
C ALA B 113 9.71 -10.68 -30.74
N GLU B 114 10.09 -10.26 -29.53
CA GLU B 114 10.92 -9.06 -29.40
C GLU B 114 12.02 -9.22 -28.39
N THR B 115 13.22 -8.80 -28.82
CA THR B 115 14.36 -8.95 -27.90
C THR B 115 14.99 -7.59 -27.57
N PHE B 116 15.51 -7.56 -26.33
CA PHE B 116 16.16 -6.35 -25.79
C PHE B 116 17.18 -6.76 -24.72
N THR B 117 17.98 -5.79 -24.35
CA THR B 117 19.04 -5.94 -23.36
C THR B 117 18.76 -5.09 -22.13
N VAL B 118 19.10 -5.66 -20.98
CA VAL B 118 18.94 -5.04 -19.65
C VAL B 118 20.40 -4.88 -19.21
N TRP B 119 20.75 -3.73 -18.71
CA TRP B 119 22.08 -3.35 -18.25
C TRP B 119 22.08 -3.08 -16.75
N ARG B 120 23.23 -3.42 -16.19
CA ARG B 120 23.36 -3.24 -14.71
C ARG B 120 24.79 -2.86 -14.37
N THR B 121 24.92 -2.04 -13.35
CA THR B 121 26.19 -1.52 -12.87
C THR B 121 26.24 -1.92 -11.40
N VAL B 122 27.26 -1.53 -10.66
CA VAL B 122 27.44 -1.71 -9.22
C VAL B 122 26.30 -1.07 -8.41
N HIS B 123 25.69 0.01 -8.91
CA HIS B 123 24.61 0.79 -8.34
C HIS B 123 23.25 0.15 -8.60
N GLY B 124 22.99 -0.46 -9.72
CA GLY B 124 21.69 -1.13 -9.92
C GLY B 124 21.39 -1.21 -11.41
N ASN B 125 20.17 -1.61 -11.77
CA ASN B 125 19.80 -1.70 -13.18
C ASN B 125 19.73 -0.29 -13.78
N ILE B 126 20.07 -0.18 -15.05
CA ILE B 126 19.98 1.10 -15.76
C ILE B 126 18.52 1.39 -16.17
N LEU B 127 18.05 2.56 -15.74
CA LEU B 127 16.73 3.12 -15.96
C LEU B 127 16.54 3.73 -17.35
N GLN B 128 17.41 4.67 -17.59
CA GLN B 128 17.54 5.46 -18.80
C GLN B 128 18.98 5.96 -18.89
N THR B 129 19.31 6.25 -20.13
CA THR B 129 20.60 6.77 -20.56
C THR B 129 20.30 8.00 -21.43
N ASP B 130 21.24 8.90 -21.28
CA ASP B 130 21.30 10.21 -21.95
C ASP B 130 22.67 10.15 -22.61
N GLN B 131 22.67 9.85 -23.88
CA GLN B 131 23.85 9.66 -24.73
C GLN B 131 24.46 10.99 -25.21
N THR B 132 23.78 12.07 -24.98
CA THR B 132 24.09 13.48 -25.24
C THR B 132 24.93 14.02 -24.08
N THR B 133 24.68 13.55 -22.86
CA THR B 133 25.43 13.94 -21.68
C THR B 133 26.50 12.83 -21.52
N GLN B 134 26.08 11.64 -21.91
CA GLN B 134 26.81 10.36 -21.84
C GLN B 134 26.66 9.95 -20.36
N THR B 135 25.39 9.93 -19.95
CA THR B 135 24.93 9.65 -18.61
C THR B 135 23.91 8.53 -18.68
N ALA B 136 23.99 7.63 -17.73
CA ALA B 136 22.99 6.53 -17.64
C ALA B 136 22.57 6.56 -16.18
N TYR B 137 21.29 6.37 -15.95
CA TYR B 137 20.81 6.39 -14.56
C TYR B 137 20.63 4.99 -14.01
N ALA B 138 21.26 4.70 -12.90
CA ALA B 138 21.07 3.38 -12.27
C ALA B 138 20.28 3.60 -10.98
N LYS B 139 19.24 2.80 -10.82
CA LYS B 139 18.36 2.85 -9.63
C LYS B 139 18.90 1.95 -8.54
N SER B 140 19.31 2.55 -7.45
CA SER B 140 19.91 1.85 -6.29
C SER B 140 18.94 1.77 -5.13
N ARG B 141 18.61 0.53 -4.78
CA ARG B 141 17.73 0.14 -3.68
C ARG B 141 18.58 -0.35 -2.52
N ALA B 142 18.27 0.12 -1.32
CA ALA B 142 18.90 -0.27 -0.07
C ALA B 142 18.60 -1.74 0.26
N TRP B 143 17.50 -2.35 -0.22
CA TRP B 143 17.12 -3.71 0.00
C TRP B 143 17.61 -4.62 -1.13
N ASP B 144 18.42 -4.16 -2.05
CA ASP B 144 18.89 -5.02 -3.14
C ASP B 144 19.62 -6.23 -2.51
N GLY B 145 19.18 -7.43 -2.86
CA GLY B 145 19.78 -8.67 -2.37
C GLY B 145 19.31 -9.20 -1.04
N LYS B 146 18.24 -8.71 -0.47
CA LYS B 146 17.59 -9.03 0.80
C LYS B 146 16.10 -9.26 0.57
N GLU B 147 15.74 -9.39 -0.70
CA GLU B 147 14.35 -9.65 -1.08
C GLU B 147 13.86 -10.96 -0.43
N VAL B 148 14.65 -12.01 -0.68
CA VAL B 148 14.29 -13.32 -0.09
C VAL B 148 14.31 -13.31 1.42
N ALA B 149 15.29 -12.72 2.08
CA ALA B 149 15.34 -12.62 3.55
C ALA B 149 14.13 -11.87 4.14
N SER B 150 13.56 -10.89 3.41
CA SER B 150 12.42 -10.08 3.84
C SER B 150 11.16 -10.96 3.93
N LEU B 151 10.97 -11.82 2.93
CA LEU B 151 9.90 -12.82 2.87
C LEU B 151 9.93 -13.77 4.06
N LEU B 152 11.15 -14.31 4.30
CA LEU B 152 11.43 -15.24 5.42
C LEU B 152 11.30 -14.52 6.74
N ALA B 153 11.69 -13.29 6.92
CA ALA B 153 11.46 -12.56 8.18
C ALA B 153 9.96 -12.45 8.46
N TRP B 154 9.10 -12.20 7.47
CA TRP B 154 7.65 -12.14 7.50
C TRP B 154 7.01 -13.50 7.91
N THR B 155 7.61 -14.62 7.59
CA THR B 155 7.23 -15.97 7.90
C THR B 155 7.63 -16.34 9.33
N HIS B 156 8.91 -16.19 9.71
CA HIS B 156 9.43 -16.49 11.03
C HIS B 156 8.91 -15.68 12.17
N GLN B 157 8.38 -14.53 11.97
CA GLN B 157 7.80 -13.61 12.95
C GLN B 157 6.51 -14.18 13.47
N MET B 158 5.80 -15.03 12.72
CA MET B 158 4.57 -15.71 13.09
C MET B 158 4.76 -16.60 14.33
N LYS B 159 5.96 -17.13 14.54
CA LYS B 159 6.37 -17.94 15.68
C LYS B 159 6.82 -17.10 16.87
N ALA B 160 7.08 -15.81 16.85
CA ALA B 160 7.50 -15.03 18.01
C ALA B 160 6.44 -15.08 19.12
N LYS B 161 6.93 -15.02 20.35
CA LYS B 161 6.06 -15.11 21.54
C LYS B 161 6.17 -13.91 22.44
N ASN B 162 7.05 -13.01 22.04
CA ASN B 162 7.25 -11.75 22.80
C ASN B 162 7.90 -10.76 21.85
N TRP B 163 8.03 -9.58 22.44
CA TRP B 163 8.57 -8.40 21.77
C TRP B 163 10.00 -8.64 21.31
N GLN B 164 10.77 -9.19 22.18
CA GLN B 164 12.18 -9.55 22.06
C GLN B 164 12.36 -10.44 20.85
N GLU B 165 11.56 -11.55 20.78
CA GLU B 165 11.68 -12.41 19.61
C GLU B 165 11.14 -11.75 18.34
N TRP B 166 10.02 -11.06 18.53
CA TRP B 166 9.41 -10.34 17.39
C TRP B 166 10.37 -9.33 16.76
N THR B 167 11.05 -8.49 17.56
CA THR B 167 11.98 -7.52 16.96
C THR B 167 13.19 -8.14 16.32
N GLN B 168 13.59 -9.37 16.69
CA GLN B 168 14.72 -10.03 16.01
C GLN B 168 14.37 -10.25 14.53
N GLN B 169 13.12 -10.51 14.22
CA GLN B 169 12.59 -10.68 12.88
C GLN B 169 12.34 -9.37 12.18
N ALA B 170 11.90 -8.36 12.91
CA ALA B 170 11.66 -7.01 12.38
C ALA B 170 12.95 -6.44 11.83
N ALA B 171 14.08 -6.70 12.50
CA ALA B 171 15.42 -6.33 12.09
C ALA B 171 15.85 -6.92 10.75
N LYS B 172 15.27 -7.96 10.21
CA LYS B 172 15.59 -8.60 8.96
C LYS B 172 14.68 -8.27 7.79
N GLN B 173 13.62 -7.54 8.13
CA GLN B 173 12.68 -7.10 7.06
C GLN B 173 13.33 -5.81 6.52
N ALA B 174 13.73 -5.87 5.26
CA ALA B 174 14.46 -4.80 4.57
C ALA B 174 13.67 -3.81 3.71
N LEU B 175 12.37 -4.01 3.47
CA LEU B 175 11.52 -3.10 2.70
C LEU B 175 11.04 -2.01 3.66
N THR B 176 10.69 -0.85 3.14
CA THR B 176 10.20 0.27 3.98
C THR B 176 8.76 0.05 4.38
N ILE B 177 8.52 -0.58 5.52
CA ILE B 177 7.21 -0.98 6.02
C ILE B 177 7.04 -0.73 7.52
N ASN B 178 5.89 -0.26 7.98
CA ASN B 178 5.63 -0.12 9.40
C ASN B 178 5.10 -1.48 9.92
N TRP B 179 5.64 -1.99 11.01
CA TRP B 179 5.22 -3.22 11.65
C TRP B 179 4.65 -2.90 13.03
N TYR B 180 3.54 -3.57 13.34
CA TYR B 180 2.79 -3.39 14.60
C TYR B 180 2.61 -4.72 15.36
N TYR B 181 2.70 -4.62 16.65
CA TYR B 181 2.65 -5.63 17.68
C TYR B 181 1.63 -5.35 18.79
N ALA B 182 0.98 -6.37 19.31
CA ALA B 182 0.08 -6.43 20.46
C ALA B 182 0.21 -7.83 21.13
N ASP B 183 -0.02 -7.90 22.45
CA ASP B 183 0.10 -9.26 23.06
C ASP B 183 -0.99 -9.51 24.09
N VAL B 184 -1.06 -10.76 24.59
CA VAL B 184 -2.05 -11.21 25.59
C VAL B 184 -1.95 -10.46 26.91
N ASN B 185 -0.83 -9.89 27.29
CA ASN B 185 -0.61 -9.11 28.49
C ASN B 185 -0.99 -7.64 28.32
N GLY B 186 -1.36 -7.13 27.15
CA GLY B 186 -1.70 -5.74 26.95
C GLY B 186 -0.55 -4.89 26.46
N ASN B 187 0.59 -5.44 26.10
CA ASN B 187 1.76 -4.75 25.59
C ASN B 187 1.51 -4.39 24.13
N ILE B 188 1.92 -3.20 23.67
CA ILE B 188 1.73 -2.77 22.27
C ILE B 188 3.06 -2.20 21.75
N GLY B 189 3.37 -2.36 20.49
CA GLY B 189 4.63 -1.86 19.94
C GLY B 189 4.52 -1.56 18.44
N TYR B 190 5.46 -0.78 17.94
CA TYR B 190 5.59 -0.27 16.60
C TYR B 190 7.05 -0.19 16.18
N VAL B 191 7.32 -0.56 14.92
CA VAL B 191 8.66 -0.49 14.35
C VAL B 191 8.54 -0.03 12.86
N HIS B 192 9.28 1.01 12.52
CA HIS B 192 9.40 1.49 11.16
C HIS B 192 10.56 0.63 10.64
N THR B 193 10.25 -0.46 9.96
CA THR B 193 11.26 -1.39 9.47
C THR B 193 11.89 -1.02 8.13
N GLY B 194 13.02 -1.61 7.81
CA GLY B 194 13.63 -1.42 6.52
C GLY B 194 15.12 -1.14 6.63
N ALA B 195 15.72 -1.33 5.46
CA ALA B 195 17.14 -1.05 5.18
C ALA B 195 17.22 0.37 4.60
N TYR B 196 17.99 1.22 5.28
CA TYR B 196 18.20 2.64 4.88
C TYR B 196 19.69 2.90 4.69
N PRO B 197 20.04 3.61 3.62
CA PRO B 197 21.45 3.90 3.32
C PRO B 197 22.15 4.82 4.30
N ASP B 198 23.45 4.60 4.41
CA ASP B 198 24.30 5.48 5.26
C ASP B 198 24.94 6.34 4.17
N ARG B 199 24.40 7.52 3.98
CA ARG B 199 24.82 8.40 2.90
C ARG B 199 26.02 9.26 3.26
N GLN B 200 26.69 9.59 2.18
CA GLN B 200 27.85 10.49 2.23
C GLN B 200 27.35 11.89 2.67
N SER B 201 28.16 12.55 3.47
CA SER B 201 27.84 13.90 3.97
C SER B 201 27.66 14.85 2.79
N GLY B 202 26.50 15.49 2.82
CA GLY B 202 26.10 16.46 1.77
C GLY B 202 25.37 15.89 0.55
N HIS B 203 24.87 14.69 0.73
CA HIS B 203 24.13 13.93 -0.26
C HIS B 203 22.68 14.41 -0.06
N ASP B 204 22.10 15.00 -1.08
CA ASP B 204 20.67 15.45 -1.00
C ASP B 204 19.90 14.30 -1.60
N PRO B 205 19.16 13.52 -0.81
CA PRO B 205 18.44 12.31 -1.24
C PRO B 205 17.25 12.49 -2.14
N ARG B 206 16.88 13.71 -2.53
CA ARG B 206 15.80 14.11 -3.40
C ARG B 206 16.23 14.17 -4.83
N LEU B 207 17.55 14.20 -5.04
CA LEU B 207 18.15 14.37 -6.38
C LEU B 207 19.30 13.43 -6.64
N PRO B 208 19.51 13.10 -7.91
CA PRO B 208 20.55 12.14 -8.34
C PRO B 208 21.94 12.51 -7.86
N VAL B 209 22.81 11.51 -7.73
CA VAL B 209 24.20 11.73 -7.33
C VAL B 209 25.06 11.08 -8.43
N PRO B 210 26.27 11.62 -8.59
CA PRO B 210 27.25 11.07 -9.55
C PRO B 210 27.55 9.64 -9.09
N GLY B 211 27.68 8.74 -10.04
CA GLY B 211 27.97 7.34 -9.70
C GLY B 211 29.40 6.96 -9.95
N THR B 212 30.28 7.94 -10.12
CA THR B 212 31.71 7.78 -10.37
C THR B 212 32.50 7.38 -9.13
N GLY B 213 31.95 7.32 -7.92
CA GLY B 213 32.61 6.92 -6.75
C GLY B 213 32.56 7.59 -5.45
N LYS B 214 32.56 8.88 -5.37
CA LYS B 214 32.62 9.65 -4.11
C LYS B 214 31.28 9.69 -3.40
N TRP B 215 30.22 9.57 -4.18
CA TRP B 215 28.83 9.60 -3.73
C TRP B 215 28.22 8.29 -3.28
N ASP B 216 28.94 7.20 -3.42
CA ASP B 216 28.54 5.85 -3.05
C ASP B 216 28.24 5.81 -1.55
N TRP B 217 27.11 5.15 -1.24
CA TRP B 217 26.73 5.01 0.17
C TRP B 217 27.91 4.33 0.89
N LYS B 218 27.94 4.67 2.19
CA LYS B 218 28.95 4.19 3.13
C LYS B 218 28.57 2.78 3.61
N GLY B 219 27.31 2.46 3.48
CA GLY B 219 26.72 1.19 3.86
C GLY B 219 25.25 1.45 4.16
N LEU B 220 24.76 0.72 5.16
CA LEU B 220 23.36 0.80 5.61
C LEU B 220 23.40 1.18 7.10
N LEU B 221 22.40 1.88 7.55
CA LEU B 221 22.27 2.28 8.93
C LEU B 221 21.79 1.04 9.72
N PRO B 222 22.22 1.06 10.96
CA PRO B 222 21.84 -0.02 11.88
C PRO B 222 20.38 0.14 12.26
N PHE B 223 19.82 -0.97 12.72
CA PHE B 223 18.48 -1.20 13.21
C PHE B 223 18.18 -0.40 14.46
N GLU B 224 19.14 0.06 15.25
CA GLU B 224 18.98 0.90 16.44
C GLU B 224 18.47 2.27 15.96
N MET B 225 18.79 2.71 14.75
CA MET B 225 18.34 3.91 14.13
C MET B 225 16.89 3.78 13.68
N ASN B 226 16.29 2.65 13.43
CA ASN B 226 14.90 2.56 12.95
C ASN B 226 13.92 3.01 14.02
N PRO B 227 13.09 4.03 13.67
CA PRO B 227 12.07 4.51 14.63
C PRO B 227 11.30 3.31 15.21
N LYS B 228 11.04 3.28 16.49
CA LYS B 228 10.28 2.26 17.20
C LYS B 228 9.77 2.76 18.56
N VAL B 229 8.68 2.22 19.10
CA VAL B 229 8.12 2.61 20.38
C VAL B 229 7.53 1.25 20.94
N TYR B 230 7.64 1.15 22.23
CA TYR B 230 7.10 0.01 22.95
C TYR B 230 6.31 0.59 24.13
N ASN B 231 5.05 0.17 24.25
CA ASN B 231 4.20 0.66 25.34
C ASN B 231 4.27 2.16 25.49
N PRO B 232 3.77 2.90 24.45
CA PRO B 232 3.79 4.39 24.43
C PRO B 232 2.96 4.97 25.56
N GLN B 233 3.39 6.13 26.06
CA GLN B 233 2.74 6.92 27.14
C GLN B 233 1.27 7.21 26.78
N SER B 234 0.78 7.47 25.59
CA SER B 234 -0.58 7.69 25.13
C SER B 234 -1.55 6.54 25.27
N GLY B 235 -1.11 5.29 25.23
CA GLY B 235 -1.89 4.06 25.34
C GLY B 235 -2.34 3.50 24.01
N TYR B 236 -1.87 4.11 22.93
CA TYR B 236 -2.25 3.77 21.57
C TYR B 236 -1.19 4.13 20.54
N ILE B 237 -1.38 3.49 19.37
CA ILE B 237 -0.55 3.63 18.18
C ILE B 237 -1.48 3.82 16.97
N ALA B 238 -1.36 4.94 16.26
CA ALA B 238 -2.15 5.21 15.04
C ALA B 238 -1.21 5.59 13.90
N ASN B 239 -1.57 5.14 12.71
CA ASN B 239 -0.82 5.42 11.47
C ASN B 239 -1.72 5.38 10.24
N TRP B 240 -1.46 6.31 9.28
CA TRP B 240 -2.26 6.26 8.05
C TRP B 240 -1.30 6.70 6.98
N ASN B 241 -0.11 6.14 7.05
CA ASN B 241 1.05 6.37 6.18
C ASN B 241 1.71 7.78 6.39
N ASN B 242 1.62 8.25 7.61
CA ASN B 242 2.17 9.45 8.19
C ASN B 242 3.57 9.10 8.71
N SER B 243 4.26 10.17 9.02
CA SER B 243 5.63 10.15 9.54
C SER B 243 5.64 9.35 10.83
N PRO B 244 6.65 8.45 10.94
CA PRO B 244 6.90 7.62 12.12
C PRO B 244 7.33 8.45 13.35
N GLN B 245 8.16 9.44 13.10
CA GLN B 245 8.71 10.27 14.19
C GLN B 245 9.22 11.62 13.70
N LYS B 246 9.40 12.47 14.72
CA LYS B 246 9.88 13.83 14.48
C LYS B 246 11.21 13.90 13.74
N ASP B 247 11.21 14.62 12.62
CA ASP B 247 12.33 14.87 11.71
C ASP B 247 12.69 13.68 10.82
N TYR B 248 11.82 12.69 10.67
CA TYR B 248 12.12 11.54 9.81
C TYR B 248 11.74 11.99 8.40
N PRO B 249 12.68 11.84 7.48
CA PRO B 249 12.53 12.22 6.06
C PRO B 249 11.72 11.21 5.25
N ALA B 250 10.76 11.68 4.45
CA ALA B 250 9.91 10.81 3.64
C ALA B 250 10.55 10.44 2.32
N SER B 251 9.85 9.58 1.60
CA SER B 251 10.21 9.18 0.21
C SER B 251 10.57 10.43 -0.56
N ASP B 252 11.37 10.39 -1.60
CA ASP B 252 11.73 11.51 -2.48
C ASP B 252 10.66 11.80 -3.55
N LEU B 253 9.54 11.08 -3.64
CA LEU B 253 8.47 11.34 -4.59
C LEU B 253 8.04 12.79 -4.45
N PHE B 254 7.96 13.48 -5.57
CA PHE B 254 7.54 14.92 -5.60
C PHE B 254 6.14 15.04 -5.04
N ALA B 255 5.27 14.10 -5.37
CA ALA B 255 3.90 13.94 -4.97
C ALA B 255 3.76 13.41 -3.54
N PHE B 256 4.78 13.09 -2.76
CA PHE B 256 4.61 12.59 -1.38
C PHE B 256 5.24 13.55 -0.36
N LEU B 257 4.45 14.04 0.59
CA LEU B 257 4.90 14.90 1.66
C LEU B 257 4.29 14.53 3.03
N TRP B 258 5.08 14.81 4.06
CA TRP B 258 4.67 14.67 5.46
C TRP B 258 4.67 16.13 5.98
N GLY B 259 3.49 16.69 6.12
CA GLY B 259 3.41 18.08 6.59
C GLY B 259 2.39 18.21 7.71
N GLY B 260 2.08 19.48 8.00
CA GLY B 260 1.09 19.78 9.05
C GLY B 260 -0.32 19.29 8.76
N ALA B 261 -0.74 19.22 7.51
CA ALA B 261 -2.00 18.68 7.01
C ALA B 261 -1.76 17.17 6.76
N ASP B 262 -2.30 16.31 7.61
CA ASP B 262 -2.15 14.85 7.50
C ASP B 262 -3.45 14.17 7.89
N ARG B 263 -3.85 13.17 7.11
CA ARG B 263 -5.08 12.39 7.37
C ARG B 263 -4.99 11.57 8.63
N VAL B 264 -3.88 11.23 9.27
CA VAL B 264 -3.80 10.51 10.54
C VAL B 264 -4.47 11.30 11.66
N THR B 265 -4.49 12.65 11.61
CA THR B 265 -5.21 13.44 12.61
C THR B 265 -6.65 13.03 12.84
N GLU B 266 -7.40 12.62 11.84
CA GLU B 266 -8.75 12.11 11.84
C GLU B 266 -8.86 10.91 12.77
N ILE B 267 -7.89 10.01 12.85
CA ILE B 267 -7.85 8.83 13.73
C ILE B 267 -7.56 9.26 15.17
N ASP B 268 -6.52 10.06 15.32
CA ASP B 268 -6.13 10.59 16.65
C ASP B 268 -7.31 11.25 17.36
N ARG B 269 -8.01 12.18 16.72
CA ARG B 269 -9.18 12.91 17.20
C ARG B 269 -10.15 11.91 17.88
N LEU B 270 -10.53 10.86 17.20
CA LEU B 270 -11.41 9.80 17.68
C LEU B 270 -10.84 8.97 18.81
N LEU B 271 -9.54 8.63 18.77
CA LEU B 271 -8.99 7.84 19.89
C LEU B 271 -8.83 8.72 21.10
N GLU B 272 -8.54 9.98 21.08
CA GLU B 272 -8.41 10.83 22.27
C GLU B 272 -9.71 11.24 22.93
N GLN B 273 -10.78 11.21 22.15
CA GLN B 273 -12.14 11.50 22.46
C GLN B 273 -12.70 10.69 23.63
N LYS B 274 -12.48 9.41 23.63
CA LYS B 274 -12.96 8.57 24.74
C LYS B 274 -11.75 8.14 25.52
N PRO B 275 -11.89 8.16 26.85
CA PRO B 275 -10.82 7.72 27.76
C PRO B 275 -10.51 6.27 27.52
N ARG B 276 -11.51 5.41 27.34
CA ARG B 276 -11.30 4.00 27.05
C ARG B 276 -12.17 3.57 25.90
N LEU B 277 -11.71 2.59 25.15
CA LEU B 277 -12.48 2.06 24.03
C LEU B 277 -12.64 0.53 24.16
N THR B 278 -13.81 0.10 23.80
CA THR B 278 -14.23 -1.32 23.73
C THR B 278 -13.87 -1.69 22.30
N ALA B 279 -14.01 -2.96 22.01
CA ALA B 279 -13.72 -3.55 20.71
C ALA B 279 -14.69 -3.07 19.66
N ASP B 280 -15.94 -2.90 20.01
CA ASP B 280 -16.98 -2.41 19.10
C ASP B 280 -16.73 -0.94 18.77
N GLN B 281 -16.27 -0.20 19.74
CA GLN B 281 -15.90 1.19 19.56
C GLN B 281 -14.66 1.23 18.69
N ALA B 282 -13.69 0.34 18.92
CA ALA B 282 -12.45 0.30 18.11
C ALA B 282 -12.75 -0.06 16.66
N TRP B 283 -13.71 -0.92 16.41
CA TRP B 283 -14.15 -1.38 15.09
C TRP B 283 -14.88 -0.25 14.38
N ASP B 284 -15.65 0.47 15.16
CA ASP B 284 -16.48 1.57 14.76
C ASP B 284 -15.76 2.74 14.16
N VAL B 285 -14.50 3.03 14.50
CA VAL B 285 -13.62 4.04 13.93
C VAL B 285 -13.46 3.75 12.43
N ILE B 286 -13.57 2.51 11.91
CA ILE B 286 -13.51 2.17 10.52
C ILE B 286 -14.68 2.87 9.82
N ARG B 287 -15.88 2.75 10.36
CA ARG B 287 -17.05 3.40 9.76
C ARG B 287 -16.90 4.93 9.68
N GLN B 288 -16.50 5.57 10.78
CA GLN B 288 -16.34 7.03 10.77
C GLN B 288 -15.28 7.55 9.80
N THR B 289 -14.06 6.99 9.89
CA THR B 289 -12.96 7.38 9.00
C THR B 289 -13.19 7.03 7.55
N SER B 290 -13.99 6.07 7.16
CA SER B 290 -14.41 5.65 5.85
C SER B 290 -15.16 6.75 5.09
N ARG B 291 -15.99 7.47 5.84
CA ARG B 291 -16.89 8.53 5.46
C ARG B 291 -16.50 9.97 5.68
N GLN B 292 -15.41 10.21 6.37
CA GLN B 292 -14.90 11.56 6.68
C GLN B 292 -14.25 12.33 5.53
N ASP B 293 -14.71 13.55 5.25
CA ASP B 293 -14.12 14.44 4.23
C ASP B 293 -12.75 14.84 4.87
N LEU B 294 -11.66 14.71 4.12
CA LEU B 294 -10.33 15.03 4.64
C LEU B 294 -9.89 16.50 4.61
N ASN B 295 -10.56 17.33 3.82
CA ASN B 295 -10.22 18.75 3.68
C ASN B 295 -11.01 19.68 4.58
N LEU B 296 -12.19 19.27 5.04
CA LEU B 296 -13.03 20.14 5.88
C LEU B 296 -12.28 20.84 7.02
N ARG B 297 -11.70 19.98 7.86
CA ARG B 297 -10.90 20.30 9.04
C ARG B 297 -9.78 21.30 8.70
N LEU B 298 -9.01 21.15 7.64
CA LEU B 298 -7.89 21.98 7.27
C LEU B 298 -8.21 23.40 6.85
N PHE B 299 -9.24 23.59 6.03
CA PHE B 299 -9.61 24.88 5.46
C PHE B 299 -10.90 25.54 5.92
N LEU B 300 -11.64 24.94 6.84
CA LEU B 300 -12.86 25.61 7.36
C LEU B 300 -12.53 26.91 8.09
N PRO B 301 -11.59 26.95 9.03
CA PRO B 301 -11.18 28.19 9.70
C PRO B 301 -10.86 29.37 8.75
N THR B 302 -10.15 29.16 7.67
CA THR B 302 -9.74 30.02 6.58
C THR B 302 -10.95 30.63 5.82
N LEU B 303 -11.90 29.79 5.50
CA LEU B 303 -13.14 30.15 4.82
C LEU B 303 -14.04 30.96 5.76
N GLN B 304 -14.08 30.68 7.04
CA GLN B 304 -14.87 31.33 8.07
C GLN B 304 -14.37 32.76 8.27
N ALA B 305 -13.07 32.90 8.46
CA ALA B 305 -12.41 34.20 8.60
C ALA B 305 -12.67 35.08 7.38
N ALA B 306 -12.51 34.56 6.17
CA ALA B 306 -12.73 35.34 4.97
C ALA B 306 -14.16 35.81 4.70
N THR B 307 -15.20 35.17 5.16
CA THR B 307 -16.60 35.48 4.92
C THR B 307 -17.29 36.07 6.12
N SER B 308 -16.55 36.34 7.17
CA SER B 308 -17.04 36.92 8.43
C SER B 308 -17.69 38.29 8.26
N GLY B 309 -17.16 39.19 7.45
CA GLY B 309 -17.76 40.50 7.24
C GLY B 309 -18.73 40.58 6.08
N LEU B 310 -19.14 39.49 5.46
CA LEU B 310 -20.09 39.42 4.37
C LEU B 310 -21.52 39.29 4.94
N THR B 311 -22.38 39.70 4.03
CA THR B 311 -23.84 39.73 4.25
C THR B 311 -24.37 38.32 3.99
N GLN B 312 -25.48 38.05 4.67
CA GLN B 312 -26.28 36.82 4.62
C GLN B 312 -26.81 36.52 3.24
N SER B 313 -27.17 37.51 2.42
CA SER B 313 -27.63 37.46 1.04
C SER B 313 -26.48 37.21 0.04
N ASP B 314 -25.23 37.23 0.46
CA ASP B 314 -24.01 36.96 -0.26
C ASP B 314 -23.84 35.43 -0.30
N PRO B 315 -23.88 34.95 -1.56
CA PRO B 315 -23.79 33.51 -1.87
C PRO B 315 -22.53 32.82 -1.40
N ARG B 316 -21.39 33.51 -1.42
CA ARG B 316 -20.09 33.08 -0.95
C ARG B 316 -20.15 32.87 0.56
N ARG B 317 -20.90 33.64 1.31
CA ARG B 317 -21.12 33.46 2.74
C ARG B 317 -22.04 32.25 2.99
N GLN B 318 -23.05 32.05 2.16
CA GLN B 318 -24.01 30.95 2.22
C GLN B 318 -23.32 29.59 2.20
N LEU B 319 -22.46 29.40 1.21
CA LEU B 319 -21.61 28.25 0.97
C LEU B 319 -20.79 27.91 2.21
N VAL B 320 -20.16 28.87 2.90
CA VAL B 320 -19.38 28.67 4.14
C VAL B 320 -20.33 28.32 5.29
N GLU B 321 -21.55 28.86 5.24
CA GLU B 321 -22.47 28.46 6.31
C GLU B 321 -22.95 27.05 6.24
N THR B 322 -23.08 26.51 5.05
CA THR B 322 -23.44 25.11 4.77
C THR B 322 -22.43 24.17 5.40
N LEU B 323 -21.15 24.41 5.15
CA LEU B 323 -19.96 23.74 5.63
C LEU B 323 -19.83 23.88 7.14
N THR B 324 -20.20 25.04 7.68
CA THR B 324 -20.16 25.25 9.12
C THR B 324 -21.15 24.36 9.85
N ARG B 325 -22.31 24.09 9.29
CA ARG B 325 -23.38 23.25 9.75
C ARG B 325 -23.08 21.76 9.62
N TRP B 326 -22.13 21.33 8.82
CA TRP B 326 -21.66 20.01 8.50
C TRP B 326 -20.51 19.50 9.37
N ASP B 327 -20.60 18.18 9.64
CA ASP B 327 -19.62 17.41 10.44
C ASP B 327 -18.51 16.75 9.60
N GLY B 328 -18.65 16.75 8.29
CA GLY B 328 -17.68 16.20 7.36
C GLY B 328 -17.96 14.74 7.04
N ILE B 329 -18.95 14.11 7.63
CA ILE B 329 -19.28 12.71 7.39
C ILE B 329 -20.25 12.62 6.21
N ASN B 330 -19.82 11.95 5.15
CA ASN B 330 -20.62 11.76 3.93
C ASN B 330 -21.52 10.53 4.13
N LEU B 331 -22.79 10.73 3.78
CA LEU B 331 -23.80 9.68 3.90
C LEU B 331 -24.59 9.56 2.61
N LEU B 332 -24.94 8.35 2.16
CA LEU B 332 -25.73 8.38 0.90
C LEU B 332 -27.21 8.73 1.16
N ASN B 333 -27.83 9.29 0.14
CA ASN B 333 -29.27 9.59 0.17
C ASN B 333 -29.86 8.20 -0.12
N ASP B 334 -31.18 8.19 -0.02
CA ASP B 334 -32.07 7.04 -0.29
C ASP B 334 -31.97 6.44 -1.69
N ASP B 335 -31.57 7.20 -2.68
CA ASP B 335 -31.37 6.91 -4.07
C ASP B 335 -30.17 6.03 -4.40
N GLY B 336 -29.27 5.84 -3.46
CA GLY B 336 -28.02 5.13 -3.55
C GLY B 336 -27.06 5.80 -4.54
N LYS B 337 -27.13 7.11 -4.84
CA LYS B 337 -26.25 7.70 -5.83
C LYS B 337 -25.79 9.10 -5.48
N THR B 338 -26.45 9.73 -4.55
CA THR B 338 -26.06 11.10 -4.21
C THR B 338 -25.80 11.25 -2.71
N TRP B 339 -24.95 12.25 -2.46
CA TRP B 339 -24.62 12.53 -1.05
C TRP B 339 -25.64 13.42 -0.39
N GLN B 340 -25.83 13.31 0.90
CA GLN B 340 -26.79 14.03 1.70
C GLN B 340 -26.48 15.50 1.74
N GLN B 341 -25.25 15.91 1.86
CA GLN B 341 -24.73 17.27 1.92
C GLN B 341 -23.79 17.49 0.76
N PRO B 342 -23.76 18.74 0.27
CA PRO B 342 -22.89 19.12 -0.85
C PRO B 342 -21.49 19.50 -0.44
N GLY B 343 -21.09 19.41 0.80
CA GLY B 343 -19.76 19.82 1.25
C GLY B 343 -18.53 19.46 0.43
N SER B 344 -18.41 18.18 0.06
CA SER B 344 -17.27 17.65 -0.71
C SER B 344 -17.23 18.29 -2.08
N ALA B 345 -18.37 18.53 -2.75
CA ALA B 345 -18.45 19.18 -4.07
C ALA B 345 -17.95 20.64 -3.97
N ILE B 346 -18.37 21.38 -2.95
CA ILE B 346 -17.97 22.74 -2.65
C ILE B 346 -16.45 22.81 -2.43
N LEU B 347 -15.95 22.00 -1.50
CA LEU B 347 -14.50 21.97 -1.21
C LEU B 347 -13.67 21.58 -2.42
N ASN B 348 -14.18 20.69 -3.25
CA ASN B 348 -13.49 20.25 -4.47
C ASN B 348 -13.36 21.39 -5.44
N VAL B 349 -14.41 22.14 -5.74
CA VAL B 349 -14.39 23.27 -6.67
C VAL B 349 -13.53 24.41 -6.10
N TRP B 350 -13.75 24.70 -4.82
CA TRP B 350 -12.99 25.76 -4.17
C TRP B 350 -11.48 25.50 -4.24
N LEU B 351 -11.10 24.31 -3.80
CA LEU B 351 -9.71 23.86 -3.75
C LEU B 351 -9.08 23.84 -5.13
N THR B 352 -9.75 23.39 -6.16
CA THR B 352 -9.18 23.43 -7.52
C THR B 352 -8.83 24.85 -7.96
N SER B 353 -9.72 25.80 -7.68
CA SER B 353 -9.63 27.23 -8.00
C SER B 353 -8.48 27.87 -7.22
N MET B 354 -8.43 27.55 -5.91
CA MET B 354 -7.36 28.04 -5.03
C MET B 354 -6.00 27.60 -5.57
N LEU B 355 -5.84 26.34 -5.96
CA LEU B 355 -4.59 25.78 -6.47
C LEU B 355 -4.17 26.47 -7.74
N LYS B 356 -5.12 26.67 -8.64
CA LYS B 356 -4.85 27.38 -9.91
C LYS B 356 -4.35 28.79 -9.70
N ARG B 357 -4.82 29.57 -8.76
CA ARG B 357 -4.41 30.91 -8.43
C ARG B 357 -3.13 31.02 -7.62
N THR B 358 -2.74 29.97 -6.88
CA THR B 358 -1.58 30.00 -5.98
C THR B 358 -0.39 29.14 -6.38
N VAL B 359 -0.36 27.86 -5.95
CA VAL B 359 0.71 26.89 -6.24
C VAL B 359 0.96 26.70 -7.74
N VAL B 360 -0.08 26.46 -8.53
CA VAL B 360 0.03 26.25 -9.97
C VAL B 360 0.69 27.43 -10.67
N ALA B 361 0.34 28.66 -10.31
CA ALA B 361 0.82 29.93 -10.83
C ALA B 361 2.31 30.12 -10.60
N ALA B 362 2.81 29.75 -9.43
CA ALA B 362 4.23 29.82 -9.06
C ALA B 362 5.12 28.77 -9.75
N VAL B 363 4.64 27.67 -10.31
CA VAL B 363 5.43 26.64 -10.98
C VAL B 363 5.35 26.68 -12.51
N PRO B 364 6.53 26.61 -13.12
CA PRO B 364 6.66 26.58 -14.57
C PRO B 364 5.99 25.34 -15.15
N MET B 365 5.48 25.51 -16.36
CA MET B 365 4.87 24.45 -17.14
C MET B 365 6.02 23.56 -17.62
N PRO B 366 5.79 22.25 -17.67
CA PRO B 366 4.56 21.55 -17.32
C PRO B 366 4.51 20.90 -15.96
N PHE B 367 5.34 21.41 -15.05
CA PHE B 367 5.47 20.98 -13.67
C PHE B 367 4.28 21.46 -12.86
N ASP B 368 3.57 22.46 -13.33
CA ASP B 368 2.37 23.03 -12.76
C ASP B 368 1.25 21.99 -12.69
N LYS B 369 1.14 21.01 -13.58
CA LYS B 369 0.15 19.95 -13.55
C LYS B 369 0.35 18.99 -12.40
N TRP B 370 1.52 18.89 -11.79
CA TRP B 370 1.75 18.09 -10.61
C TRP B 370 1.02 18.65 -9.38
N TYR B 371 0.73 19.93 -9.27
CA TYR B 371 0.15 20.56 -8.12
C TYR B 371 -1.29 20.98 -8.26
N SER B 372 -1.88 20.68 -9.39
CA SER B 372 -3.27 21.12 -9.57
C SER B 372 -4.38 20.24 -9.04
N ALA B 373 -4.15 19.00 -8.62
CA ALA B 373 -5.19 18.09 -8.14
C ALA B 373 -5.67 18.47 -6.77
N SER B 374 -6.97 18.40 -6.58
CA SER B 374 -7.64 18.72 -5.30
C SER B 374 -7.71 17.47 -4.42
N GLY B 375 -7.59 16.26 -4.98
CA GLY B 375 -7.61 15.01 -4.25
C GLY B 375 -8.96 14.31 -4.22
N TYR B 376 -9.88 14.80 -5.03
CA TYR B 376 -11.24 14.29 -5.16
C TYR B 376 -11.41 13.53 -6.47
N GLU B 377 -10.32 13.18 -7.07
CA GLU B 377 -10.07 12.37 -8.25
C GLU B 377 -11.26 11.75 -8.91
N THR B 378 -11.44 10.45 -8.86
CA THR B 378 -12.39 9.48 -9.34
C THR B 378 -12.89 9.65 -10.77
N THR B 379 -13.43 8.51 -11.17
CA THR B 379 -14.13 8.19 -12.41
C THR B 379 -15.46 7.56 -11.97
N GLN B 380 -16.09 6.88 -12.90
CA GLN B 380 -17.36 6.18 -12.73
C GLN B 380 -17.21 5.01 -11.77
N ASP B 381 -16.10 4.28 -11.82
CA ASP B 381 -15.80 3.16 -10.92
C ASP B 381 -15.35 3.57 -9.52
N GLY B 382 -15.14 4.82 -9.25
CA GLY B 382 -14.71 5.54 -8.07
C GLY B 382 -13.18 5.47 -8.02
N PRO B 383 -12.65 5.91 -6.88
CA PRO B 383 -11.20 5.89 -6.65
C PRO B 383 -10.68 4.46 -6.66
N THR B 384 -9.45 4.34 -7.15
CA THR B 384 -8.65 3.13 -7.30
C THR B 384 -7.96 2.72 -5.99
N GLY B 385 -7.89 3.66 -5.07
CA GLY B 385 -7.29 3.43 -3.76
C GLY B 385 -7.94 4.43 -2.79
N SER B 386 -7.20 4.64 -1.72
CA SER B 386 -7.58 5.61 -0.70
C SER B 386 -7.60 7.07 -1.18
N LEU B 387 -8.39 7.83 -0.45
CA LEU B 387 -8.56 9.27 -0.53
C LEU B 387 -7.49 9.80 0.45
N ASN B 388 -6.85 10.86 0.01
CA ASN B 388 -5.81 11.59 0.75
C ASN B 388 -5.94 13.09 0.38
N ILE B 389 -5.14 13.86 1.12
CA ILE B 389 -5.01 15.32 0.95
C ILE B 389 -4.01 15.44 -0.20
N SER B 390 -4.29 16.16 -1.28
CA SER B 390 -3.34 16.26 -2.42
C SER B 390 -2.06 17.00 -2.01
N VAL B 391 -1.01 16.82 -2.80
CA VAL B 391 0.25 17.49 -2.58
C VAL B 391 0.05 19.05 -2.60
N GLY B 392 -0.66 19.58 -3.60
CA GLY B 392 -0.98 21.00 -3.77
C GLY B 392 -1.67 21.52 -2.50
N ALA B 393 -2.66 20.73 -2.01
CA ALA B 393 -3.40 21.07 -0.79
C ALA B 393 -2.50 21.10 0.45
N LYS B 394 -1.52 20.20 0.59
CA LYS B 394 -0.58 20.22 1.72
C LYS B 394 0.34 21.45 1.62
N ILE B 395 0.78 21.82 0.43
CA ILE B 395 1.59 23.00 0.21
C ILE B 395 0.70 24.23 0.47
N LEU B 396 -0.55 24.32 -0.01
CA LEU B 396 -1.44 25.47 0.26
C LEU B 396 -1.71 25.60 1.76
N TYR B 397 -1.81 24.57 2.55
CA TYR B 397 -2.03 24.62 4.00
C TYR B 397 -0.93 25.34 4.76
N GLU B 398 0.30 25.15 4.36
CA GLU B 398 1.49 25.75 4.95
C GLU B 398 1.40 27.25 4.66
N ALA B 399 1.07 27.66 3.44
CA ALA B 399 0.89 29.04 3.00
C ALA B 399 -0.17 29.82 3.78
N VAL B 400 -1.33 29.21 4.05
CA VAL B 400 -2.43 29.75 4.84
C VAL B 400 -2.13 29.74 6.35
N GLN B 401 -1.03 29.16 6.81
CA GLN B 401 -0.53 29.12 8.16
C GLN B 401 0.33 30.37 8.39
N GLY B 402 0.78 30.92 7.27
CA GLY B 402 1.62 32.11 7.22
C GLY B 402 2.91 31.74 7.99
N ASP B 403 3.05 32.53 9.05
CA ASP B 403 4.19 32.47 9.95
C ASP B 403 4.12 31.40 11.02
N LYS B 404 2.98 30.75 11.16
CA LYS B 404 2.82 29.62 12.09
C LYS B 404 3.42 28.36 11.46
N SER B 405 3.60 28.31 10.16
CA SER B 405 4.21 27.29 9.34
C SER B 405 5.74 27.38 9.46
N PRO B 406 6.37 26.21 9.68
CA PRO B 406 7.83 26.08 9.75
C PRO B 406 8.53 26.12 8.40
N ILE B 407 7.83 26.05 7.28
CA ILE B 407 8.33 26.05 5.93
C ILE B 407 8.40 27.50 5.42
N PRO B 408 9.66 27.91 5.26
CA PRO B 408 10.01 29.25 4.75
C PRO B 408 9.36 29.45 3.38
N GLN B 409 8.59 30.52 3.28
CA GLN B 409 7.87 30.82 2.03
C GLN B 409 8.71 31.67 1.12
N ALA B 410 9.59 31.04 0.35
CA ALA B 410 10.48 31.67 -0.62
C ALA B 410 9.72 32.52 -1.62
N VAL B 411 8.58 32.14 -2.13
CA VAL B 411 7.70 32.85 -3.03
C VAL B 411 6.37 32.93 -2.24
N ASP B 412 5.80 34.11 -2.33
CA ASP B 412 4.49 34.38 -1.73
C ASP B 412 3.54 33.88 -2.83
N LEU B 413 2.77 32.77 -2.37
CA LEU B 413 1.81 32.08 -3.24
C LEU B 413 0.57 32.90 -3.53
N PHE B 414 0.28 33.84 -2.69
CA PHE B 414 -0.80 34.78 -2.83
C PHE B 414 -0.42 36.00 -3.67
N ALA B 415 0.76 36.09 -4.18
CA ALA B 415 1.38 37.06 -5.05
C ALA B 415 1.08 38.52 -4.79
N GLY B 416 1.23 38.90 -3.52
CA GLY B 416 1.03 40.20 -2.96
C GLY B 416 -0.36 40.58 -2.51
N LYS B 417 -1.38 39.77 -2.79
CA LYS B 417 -2.76 40.01 -2.39
C LYS B 417 -3.01 39.37 -1.03
N PRO B 418 -3.87 40.03 -0.28
CA PRO B 418 -4.24 39.53 1.05
C PRO B 418 -4.94 38.22 0.78
N GLN B 419 -4.72 37.27 1.65
CA GLN B 419 -5.31 35.93 1.62
C GLN B 419 -6.79 35.88 1.37
N GLN B 420 -7.52 36.65 2.16
CA GLN B 420 -8.98 36.82 2.13
C GLN B 420 -9.46 37.15 0.73
N GLU B 421 -8.79 38.01 0.01
CA GLU B 421 -9.17 38.33 -1.35
C GLU B 421 -9.04 37.17 -2.32
N VAL B 422 -8.04 36.32 -2.19
CA VAL B 422 -7.85 35.12 -3.06
C VAL B 422 -8.94 34.09 -2.69
N VAL B 423 -9.17 33.89 -1.40
CA VAL B 423 -10.18 32.96 -0.86
C VAL B 423 -11.56 33.36 -1.41
N LEU B 424 -11.95 34.62 -1.29
CA LEU B 424 -13.22 35.13 -1.78
C LEU B 424 -13.33 34.99 -3.29
N ALA B 425 -12.27 35.24 -4.04
CA ALA B 425 -12.29 35.08 -5.51
C ALA B 425 -12.54 33.62 -5.87
N ALA B 426 -11.96 32.62 -5.20
CA ALA B 426 -12.11 31.19 -5.41
C ALA B 426 -13.53 30.77 -5.04
N LEU B 427 -14.09 31.37 -3.97
CA LEU B 427 -15.45 31.13 -3.52
C LEU B 427 -16.51 31.60 -4.52
N GLU B 428 -16.19 32.63 -5.28
CA GLU B 428 -17.02 33.23 -6.33
C GLU B 428 -17.05 32.30 -7.53
N ASP B 429 -15.91 31.72 -7.84
CA ASP B 429 -15.72 30.72 -8.88
C ASP B 429 -16.56 29.49 -8.53
N THR B 430 -16.51 29.06 -7.28
CA THR B 430 -17.24 27.90 -6.76
C THR B 430 -18.73 28.08 -6.97
N TRP B 431 -19.19 29.23 -6.42
CA TRP B 431 -20.62 29.56 -6.54
C TRP B 431 -21.05 29.59 -8.00
N GLU B 432 -20.31 30.30 -8.84
CA GLU B 432 -20.61 30.43 -10.27
C GLU B 432 -20.73 29.06 -10.92
N THR B 433 -19.80 28.16 -10.72
CA THR B 433 -19.77 26.81 -11.26
C THR B 433 -20.88 25.89 -10.78
N LEU B 434 -21.06 25.83 -9.47
CA LEU B 434 -22.05 24.93 -8.88
C LEU B 434 -23.50 25.33 -9.03
N SER B 435 -23.76 26.63 -8.92
CA SER B 435 -25.09 27.24 -9.01
C SER B 435 -25.63 27.04 -10.43
N LYS B 436 -24.75 27.08 -11.39
CA LYS B 436 -24.97 26.86 -12.81
C LYS B 436 -25.50 25.45 -13.09
N ARG B 437 -24.98 24.43 -12.44
CA ARG B 437 -25.39 23.05 -12.59
C ARG B 437 -26.58 22.61 -11.74
N TYR B 438 -26.61 23.05 -10.48
CA TYR B 438 -27.64 22.69 -9.52
C TYR B 438 -28.69 23.74 -9.18
N GLY B 439 -28.48 24.99 -9.55
CA GLY B 439 -29.47 26.03 -9.23
C GLY B 439 -28.94 26.82 -8.03
N ASN B 440 -29.76 27.74 -7.58
CA ASN B 440 -29.51 28.69 -6.50
C ASN B 440 -29.88 28.28 -5.08
N ASN B 441 -30.73 27.27 -5.06
CA ASN B 441 -31.21 26.71 -3.77
C ASN B 441 -30.25 25.66 -3.33
N VAL B 442 -29.26 26.06 -2.55
CA VAL B 442 -28.21 25.18 -1.99
C VAL B 442 -28.73 23.97 -1.21
N SER B 443 -29.86 24.10 -0.55
CA SER B 443 -30.61 23.14 0.22
C SER B 443 -31.13 21.97 -0.61
N ASN B 444 -31.27 22.08 -1.92
CA ASN B 444 -31.75 20.94 -2.72
C ASN B 444 -30.64 20.48 -3.67
N TRP B 445 -29.39 20.79 -3.38
CA TRP B 445 -28.25 20.33 -4.21
C TRP B 445 -28.09 18.83 -3.91
N LYS B 446 -28.15 18.02 -4.92
CA LYS B 446 -28.01 16.56 -4.83
C LYS B 446 -26.76 16.19 -5.60
N THR B 447 -25.66 16.19 -4.84
CA THR B 447 -24.32 15.93 -5.42
C THR B 447 -24.00 14.45 -5.48
N PRO B 448 -23.24 14.12 -6.53
CA PRO B 448 -22.86 12.73 -6.80
C PRO B 448 -21.86 12.21 -5.79
N ALA B 449 -22.21 11.03 -5.30
CA ALA B 449 -21.47 10.20 -4.35
C ALA B 449 -20.40 9.39 -5.11
N MET B 450 -19.29 9.04 -4.49
CA MET B 450 -18.25 8.24 -5.11
C MET B 450 -18.70 6.79 -4.88
N ALA B 451 -18.34 5.93 -5.79
CA ALA B 451 -18.66 4.50 -5.72
C ALA B 451 -17.36 3.71 -5.59
N LEU B 452 -17.59 2.43 -5.32
CA LEU B 452 -16.58 1.38 -5.15
C LEU B 452 -16.67 0.23 -6.16
N THR B 453 -15.54 -0.08 -6.80
CA THR B 453 -15.42 -1.16 -7.80
C THR B 453 -14.32 -2.15 -7.42
N PHE B 454 -14.72 -3.42 -7.41
CA PHE B 454 -13.89 -4.63 -7.17
C PHE B 454 -13.51 -5.06 -8.60
N ARG B 455 -12.35 -4.60 -9.02
CA ARG B 455 -11.80 -4.81 -10.36
C ARG B 455 -11.28 -6.21 -10.65
N ALA B 456 -11.56 -6.61 -11.88
CA ALA B 456 -11.23 -7.86 -12.54
C ALA B 456 -9.77 -7.87 -13.01
N ASN B 457 -9.09 -6.73 -13.16
CA ASN B 457 -7.68 -6.59 -13.53
C ASN B 457 -6.93 -6.34 -12.22
N ASN B 458 -5.77 -6.97 -12.10
CA ASN B 458 -4.97 -6.76 -10.86
C ASN B 458 -4.37 -5.36 -10.89
N PHE B 459 -3.65 -4.93 -9.85
CA PHE B 459 -3.02 -3.60 -9.76
C PHE B 459 -2.10 -3.26 -10.91
N PHE B 460 -1.49 -4.15 -11.64
CA PHE B 460 -0.59 -4.00 -12.77
C PHE B 460 -1.39 -3.68 -14.05
N GLY B 461 -2.69 -3.88 -14.07
CA GLY B 461 -3.58 -3.66 -15.18
C GLY B 461 -3.78 -4.93 -16.01
N VAL B 462 -3.41 -6.06 -15.44
CA VAL B 462 -3.49 -7.38 -16.06
C VAL B 462 -4.70 -8.13 -15.50
N PRO B 463 -5.46 -8.67 -16.43
CA PRO B 463 -6.64 -9.46 -16.08
C PRO B 463 -6.27 -10.65 -15.14
N GLN B 464 -7.05 -10.85 -14.09
CA GLN B 464 -6.90 -11.91 -13.09
C GLN B 464 -8.29 -12.57 -12.88
N ALA B 465 -9.19 -12.21 -13.79
CA ALA B 465 -10.58 -12.67 -13.82
C ALA B 465 -11.20 -12.19 -15.12
N ALA B 466 -12.40 -12.70 -15.40
CA ALA B 466 -13.15 -12.27 -16.62
C ALA B 466 -13.74 -10.91 -16.27
N ALA B 467 -13.92 -10.02 -17.24
CA ALA B 467 -14.46 -8.66 -17.10
C ALA B 467 -15.79 -8.55 -16.38
N GLU B 468 -16.67 -9.50 -16.59
CA GLU B 468 -17.96 -9.83 -16.03
C GLU B 468 -17.91 -10.15 -14.55
N GLU B 469 -16.76 -10.51 -14.00
CA GLU B 469 -16.48 -10.80 -12.61
C GLU B 469 -16.32 -9.58 -11.71
N THR B 470 -16.21 -8.40 -12.32
CA THR B 470 -16.13 -7.09 -11.68
C THR B 470 -17.38 -6.89 -10.80
N ARG B 471 -17.19 -6.44 -9.58
CA ARG B 471 -18.25 -6.17 -8.62
C ARG B 471 -18.18 -4.68 -8.29
N HIS B 472 -19.36 -4.13 -8.01
CA HIS B 472 -19.68 -2.76 -7.66
C HIS B 472 -20.37 -2.58 -6.33
N GLN B 473 -19.89 -1.62 -5.57
CA GLN B 473 -20.49 -1.28 -4.25
C GLN B 473 -20.96 0.17 -4.42
N ALA B 474 -22.15 0.50 -3.99
CA ALA B 474 -22.74 1.85 -4.12
C ALA B 474 -21.94 2.89 -3.34
N GLU B 475 -21.58 2.58 -2.10
CA GLU B 475 -20.84 3.54 -1.31
C GLU B 475 -19.33 3.33 -1.24
N TYR B 476 -18.59 4.33 -1.67
CA TYR B 476 -17.13 4.39 -1.63
C TYR B 476 -16.86 4.51 -0.13
N GLN B 477 -15.89 3.75 0.34
CA GLN B 477 -15.50 3.70 1.78
C GLN B 477 -13.99 3.88 1.80
N ASN B 478 -13.45 4.89 2.45
CA ASN B 478 -11.98 5.12 2.54
C ASN B 478 -11.47 4.21 3.66
N ARG B 479 -11.28 2.91 3.40
CA ARG B 479 -10.93 1.87 4.36
C ARG B 479 -10.07 0.76 3.76
N GLY B 480 -9.69 -0.18 4.64
CA GLY B 480 -8.88 -1.27 4.14
C GLY B 480 -9.61 -2.08 3.12
N THR B 481 -8.82 -2.73 2.25
CA THR B 481 -9.13 -3.73 1.23
C THR B 481 -9.77 -4.93 1.96
N GLU B 482 -9.29 -5.21 3.15
CA GLU B 482 -9.69 -6.08 4.19
C GLU B 482 -9.50 -5.29 5.51
N ASN B 483 -10.24 -5.65 6.53
CA ASN B 483 -10.19 -5.18 7.90
C ASN B 483 -10.17 -6.45 8.84
N ASP B 484 -9.24 -6.33 9.78
CA ASP B 484 -9.05 -7.41 10.76
C ASP B 484 -8.92 -6.75 12.14
N MET B 485 -9.50 -7.43 13.13
CA MET B 485 -9.47 -7.01 14.54
C MET B 485 -9.10 -8.22 15.44
N ILE B 486 -8.13 -7.98 16.31
CA ILE B 486 -7.66 -8.95 17.30
C ILE B 486 -7.87 -8.35 18.69
N VAL B 487 -8.59 -9.02 19.56
CA VAL B 487 -8.88 -8.64 20.97
C VAL B 487 -8.25 -9.65 21.96
N PHE B 488 -7.27 -9.20 22.73
CA PHE B 488 -6.54 -10.02 23.71
C PHE B 488 -7.11 -9.80 25.11
N SER B 489 -7.33 -10.93 25.75
CA SER B 489 -7.90 -11.09 27.09
C SER B 489 -9.25 -10.39 27.29
N PRO B 490 -10.23 -10.76 26.44
CA PRO B 490 -11.59 -10.23 26.57
C PRO B 490 -12.01 -10.57 27.98
N THR B 491 -12.82 -9.78 28.63
CA THR B 491 -13.34 -10.06 29.98
C THR B 491 -14.70 -10.74 29.79
N THR B 492 -15.23 -10.71 28.62
CA THR B 492 -16.41 -11.12 27.92
C THR B 492 -16.43 -12.60 27.51
N SER B 493 -15.29 -13.25 27.48
CA SER B 493 -15.05 -14.64 27.10
C SER B 493 -14.02 -15.30 28.03
N ASP B 494 -13.91 -16.59 27.82
CA ASP B 494 -13.08 -17.63 28.44
C ASP B 494 -11.79 -17.84 27.62
N ARG B 495 -11.91 -17.30 26.41
CA ARG B 495 -10.94 -17.26 25.36
C ARG B 495 -10.07 -16.05 25.65
N PRO B 496 -8.76 -16.37 25.59
CA PRO B 496 -7.69 -15.40 25.78
C PRO B 496 -7.48 -14.42 24.63
N VAL B 497 -7.90 -14.71 23.42
CA VAL B 497 -7.90 -14.06 22.16
C VAL B 497 -9.22 -14.31 21.37
N LEU B 498 -9.62 -13.21 20.71
CA LEU B 498 -10.76 -13.13 19.79
C LEU B 498 -10.25 -12.37 18.57
N ALA B 499 -10.55 -12.84 17.37
CA ALA B 499 -10.10 -12.20 16.13
C ALA B 499 -11.19 -12.33 15.09
N TRP B 500 -11.33 -11.30 14.24
CA TRP B 500 -12.29 -11.17 13.15
C TRP B 500 -11.62 -10.57 11.89
N ASP B 501 -12.20 -10.84 10.74
CA ASP B 501 -11.70 -10.29 9.47
C ASP B 501 -12.90 -10.34 8.52
N VAL B 502 -12.66 -9.93 7.29
CA VAL B 502 -13.62 -9.87 6.17
C VAL B 502 -12.74 -9.91 4.93
N VAL B 503 -12.89 -10.87 4.06
CA VAL B 503 -12.09 -11.06 2.81
C VAL B 503 -13.11 -11.14 1.65
N ALA B 504 -13.36 -10.00 1.04
CA ALA B 504 -14.36 -9.89 -0.02
C ALA B 504 -13.69 -9.88 -1.36
N PRO B 505 -14.35 -10.40 -2.40
CA PRO B 505 -15.70 -10.98 -2.39
C PRO B 505 -15.88 -12.22 -1.55
N GLY B 506 -14.90 -13.12 -1.56
CA GLY B 506 -14.88 -14.36 -0.80
C GLY B 506 -13.50 -15.04 -0.78
N GLN B 507 -13.50 -16.19 -0.11
CA GLN B 507 -12.27 -17.01 0.02
C GLN B 507 -11.77 -17.60 -1.31
N SER B 508 -12.73 -18.06 -2.10
CA SER B 508 -12.46 -18.73 -3.36
C SER B 508 -12.79 -17.90 -4.58
N GLY B 509 -11.98 -18.05 -5.62
CA GLY B 509 -12.19 -17.43 -6.91
C GLY B 509 -12.54 -18.55 -7.89
N PHE B 510 -12.81 -19.77 -7.41
CA PHE B 510 -13.12 -20.86 -8.34
C PHE B 510 -14.49 -20.82 -9.03
N ILE B 511 -14.42 -20.98 -10.35
CA ILE B 511 -15.50 -21.14 -11.32
C ILE B 511 -15.22 -22.43 -12.16
N ALA B 512 -16.08 -23.44 -12.01
CA ALA B 512 -15.92 -24.74 -12.71
C ALA B 512 -16.01 -24.47 -14.18
N PRO B 513 -15.59 -25.44 -15.00
CA PRO B 513 -15.63 -25.31 -16.47
C PRO B 513 -17.01 -25.04 -17.06
N ASP B 514 -18.10 -25.51 -16.48
CA ASP B 514 -19.49 -25.32 -16.86
C ASP B 514 -20.05 -23.95 -16.43
N GLY B 515 -19.36 -23.15 -15.64
CA GLY B 515 -19.80 -21.84 -15.18
C GLY B 515 -20.33 -21.92 -13.76
N THR B 516 -20.02 -23.00 -13.10
CA THR B 516 -20.47 -23.17 -11.71
C THR B 516 -19.42 -22.60 -10.76
N VAL B 517 -19.88 -21.55 -10.14
CA VAL B 517 -19.21 -20.72 -9.14
C VAL B 517 -19.18 -21.43 -7.79
N ASP B 518 -18.02 -21.33 -7.15
CA ASP B 518 -17.82 -21.91 -5.83
C ASP B 518 -18.82 -21.33 -4.85
N LYS B 519 -19.08 -22.09 -3.80
CA LYS B 519 -19.96 -21.70 -2.70
C LYS B 519 -19.45 -20.52 -1.88
N HIS B 520 -18.13 -20.35 -1.83
CA HIS B 520 -17.38 -19.31 -1.15
C HIS B 520 -16.80 -18.28 -2.09
N TYR B 521 -17.38 -18.08 -3.25
CA TYR B 521 -16.96 -17.12 -4.25
C TYR B 521 -17.33 -15.68 -3.91
N GLU B 522 -18.47 -15.54 -3.23
CA GLU B 522 -18.95 -14.20 -2.89
C GLU B 522 -19.81 -14.15 -1.68
N ASP B 523 -19.49 -14.95 -0.69
CA ASP B 523 -20.28 -14.97 0.58
C ASP B 523 -19.79 -13.95 1.58
N GLN B 524 -18.79 -13.12 1.26
CA GLN B 524 -18.32 -12.06 2.17
C GLN B 524 -18.55 -10.66 1.61
N LEU B 525 -19.13 -10.54 0.44
CA LEU B 525 -19.38 -9.25 -0.22
C LEU B 525 -20.36 -8.31 0.46
N LYS B 526 -21.48 -8.83 0.94
CA LYS B 526 -22.48 -7.99 1.62
C LYS B 526 -21.98 -7.62 2.99
N MET B 527 -21.27 -8.54 3.64
CA MET B 527 -20.64 -8.30 4.97
C MET B 527 -19.69 -7.11 4.89
N TYR B 528 -18.87 -7.00 3.86
CA TYR B 528 -17.95 -5.94 3.57
C TYR B 528 -18.64 -4.58 3.61
N GLU B 529 -19.58 -4.46 2.68
CA GLU B 529 -20.42 -3.29 2.52
C GLU B 529 -21.06 -2.78 3.80
N ASN B 530 -21.67 -3.58 4.66
CA ASN B 530 -22.28 -3.07 5.89
C ASN B 530 -21.41 -3.12 7.14
N PHE B 531 -20.08 -3.12 6.99
CA PHE B 531 -19.13 -3.06 8.12
C PHE B 531 -19.18 -4.26 9.05
N GLY B 532 -19.57 -5.40 8.52
CA GLY B 532 -19.69 -6.67 9.22
C GLY B 532 -18.30 -7.33 9.30
N ARG B 533 -18.26 -8.48 9.94
CA ARG B 533 -17.08 -9.32 10.18
C ARG B 533 -17.45 -10.73 10.64
N LYS B 534 -16.54 -11.62 10.27
CA LYS B 534 -16.54 -13.07 10.52
C LYS B 534 -15.42 -13.43 11.51
N SER B 535 -15.65 -14.42 12.37
CA SER B 535 -14.71 -14.95 13.37
C SER B 535 -13.60 -15.74 12.67
N LEU B 536 -12.41 -15.51 13.24
CA LEU B 536 -11.18 -16.16 12.82
C LEU B 536 -10.96 -17.22 13.92
N TRP B 537 -10.73 -18.45 13.49
CA TRP B 537 -10.51 -19.56 14.46
C TRP B 537 -9.02 -19.94 14.57
N LEU B 538 -8.52 -20.25 15.75
CA LEU B 538 -7.16 -20.68 16.02
C LEU B 538 -7.09 -22.13 16.59
N THR B 539 -7.68 -22.33 17.74
CA THR B 539 -7.68 -23.62 18.42
C THR B 539 -8.42 -24.71 17.66
N LYS B 540 -8.00 -25.94 17.93
CA LYS B 540 -8.54 -27.17 17.32
C LYS B 540 -10.03 -27.34 17.58
N GLN B 541 -10.43 -27.12 18.82
CA GLN B 541 -11.86 -27.20 19.20
C GLN B 541 -12.66 -26.15 18.43
N ASP B 542 -12.22 -24.90 18.21
CA ASP B 542 -13.00 -23.95 17.44
C ASP B 542 -13.10 -24.38 15.99
N VAL B 543 -11.97 -24.78 15.45
CA VAL B 543 -11.86 -25.24 14.07
C VAL B 543 -12.79 -26.44 13.89
N GLU B 544 -12.73 -27.41 14.79
CA GLU B 544 -13.56 -28.62 14.75
C GLU B 544 -15.04 -28.36 14.82
N ALA B 545 -15.36 -27.49 15.79
CA ALA B 545 -16.69 -26.97 16.06
C ALA B 545 -17.28 -26.29 14.83
N HIS B 546 -16.52 -25.60 13.98
CA HIS B 546 -16.95 -24.88 12.80
C HIS B 546 -16.59 -25.52 11.49
N LYS B 547 -16.08 -26.71 11.43
CA LYS B 547 -15.67 -27.40 10.21
C LYS B 547 -16.79 -27.59 9.21
N GLU B 548 -16.47 -27.45 7.94
CA GLU B 548 -17.55 -27.69 6.95
C GLU B 548 -17.11 -28.85 6.04
N SER B 549 -15.83 -29.17 6.12
CA SER B 549 -15.20 -30.22 5.33
C SER B 549 -13.76 -30.48 5.81
N GLN B 550 -13.34 -31.68 5.45
CA GLN B 550 -12.06 -32.31 5.71
C GLN B 550 -11.48 -33.08 4.52
N GLU B 551 -10.17 -32.91 4.36
CA GLU B 551 -9.38 -33.54 3.31
C GLU B 551 -8.04 -33.95 3.90
N VAL B 552 -7.69 -35.23 3.80
CA VAL B 552 -6.46 -35.83 4.32
C VAL B 552 -5.63 -36.38 3.15
N LEU B 553 -4.37 -35.96 3.17
CA LEU B 553 -3.36 -36.32 2.16
C LEU B 553 -2.24 -37.10 2.86
N HIS B 554 -1.67 -38.03 2.12
CA HIS B 554 -0.54 -38.89 2.55
C HIS B 554 0.48 -38.73 1.43
N VAL B 555 1.52 -37.96 1.71
CA VAL B 555 2.57 -37.58 0.78
C VAL B 555 3.94 -37.75 1.44
N GLN B 556 4.87 -38.20 0.61
CA GLN B 556 6.24 -38.26 1.16
C GLN B 556 7.17 -37.61 0.09
N ARG B 557 8.11 -36.88 0.67
CA ARG B 557 9.13 -36.13 -0.03
C ARG B 557 10.07 -37.12 -0.75
CA CA C . 16.20 9.15 -2.84
C PMS D . -0.90 -0.98 1.92
S PMS D . -1.03 0.68 2.75
C1 PMS D . 0.19 -1.86 2.48
C2 PMS D . -0.12 -2.65 3.55
C3 PMS D . 0.94 -3.37 4.11
C4 PMS D . 2.21 -3.20 3.57
C5 PMS D . 2.50 -2.37 2.48
C6 PMS D . 1.44 -1.69 1.95
O2S PMS D . 0.17 0.92 3.59
O1S PMS D . -0.87 1.60 1.54
#